data_4CT5
#
_entry.id   4CT5
#
_cell.length_a   113.116
_cell.length_b   113.144
_cell.length_c   77.183
_cell.angle_alpha   90.00
_cell.angle_beta   90.00
_cell.angle_gamma   90.00
#
_symmetry.space_group_name_H-M   'P 21 21 21'
#
loop_
_entity.id
_entity.type
_entity.pdbx_description
1 polymer DDX6
2 non-polymer 'ACETATE ION'
#
_entity_poly.entity_id   1
_entity_poly.type   'polypeptide(L)'
_entity_poly.pdbx_seq_one_letter_code
;RSMGNEFEDYCLKRELLMGIFEMGWEKPSPIQEESIPIALSGRDILARAKNGTGKSGAYLIPLLERLDLKKDNIQAMVIV
PTRELALQVSQICIQVSKHMGGAKVMATTGGTNLRDDIMRLDDTVHVVIATPGRILDLIKKGVAKVDHVQMIVLDEADKL
LSQDFVQIMEDIILTLPKNRQILLYSATFPLSVQKFMNSHLQKPYEINLMEELTLKGVTQYYAYVTERQKVHCLNTLFSR
LQINQSIIFCNSSQRVELLAKKISQLGYSCFYIHAKMRQEHRNRVFHDFRNGLCRNLVCTDLFTRGIDIQAVNVVINFDF
PKLAETYLHRIGRSGRFGHLGLAINLITYDDRFNLKSIEEQLGTEIKPIPSNIDKSLY
;
_entity_poly.pdbx_strand_id   A,B
#
loop_
_chem_comp.id
_chem_comp.type
_chem_comp.name
_chem_comp.formula
ACT non-polymer 'ACETATE ION' 'C2 H3 O2 -1'
#
# COMPACT_ATOMS: atom_id res chain seq x y z
N GLY A 4 16.60 15.52 3.71
CA GLY A 4 16.27 14.90 2.44
C GLY A 4 16.76 13.46 2.35
N ASN A 5 16.66 12.87 1.16
CA ASN A 5 17.09 11.50 0.93
C ASN A 5 18.29 11.43 -0.01
N GLU A 6 19.28 10.61 0.35
CA GLU A 6 20.52 10.51 -0.40
C GLU A 6 20.86 9.05 -0.74
N PHE A 7 21.58 8.85 -1.83
CA PHE A 7 21.99 7.53 -2.29
C PHE A 7 22.57 6.68 -1.17
N GLU A 8 23.53 7.26 -0.44
CA GLU A 8 24.27 6.56 0.60
C GLU A 8 23.35 5.87 1.60
N ASP A 9 22.14 6.41 1.76
CA ASP A 9 21.18 5.88 2.73
C ASP A 9 20.75 4.48 2.32
N TYR A 10 20.77 4.20 1.02
CA TYR A 10 20.37 2.90 0.49
C TYR A 10 21.43 1.83 0.74
N CYS A 11 22.61 2.26 1.20
CA CYS A 11 23.73 1.35 1.45
C CYS A 11 24.15 0.62 0.19
N LEU A 12 25.00 1.26 -0.61
CA LEU A 12 25.50 0.69 -1.86
C LEU A 12 27.03 0.55 -1.81
N LYS A 13 27.58 -0.15 -2.80
CA LYS A 13 29.03 -0.33 -2.92
C LYS A 13 29.73 0.98 -3.27
N ARG A 14 30.87 1.22 -2.62
CA ARG A 14 31.67 2.42 -2.82
C ARG A 14 31.89 2.72 -4.31
N GLU A 15 32.34 1.69 -5.03
CA GLU A 15 32.67 1.81 -6.43
C GLU A 15 31.44 2.26 -7.21
N LEU A 16 30.28 1.78 -6.76
CA LEU A 16 29.04 2.09 -7.44
C LEU A 16 28.68 3.56 -7.19
N LEU A 17 28.69 3.99 -5.93
CA LEU A 17 28.38 5.38 -5.60
C LEU A 17 29.28 6.36 -6.33
N MET A 18 30.57 6.03 -6.40
CA MET A 18 31.49 6.87 -7.14
C MET A 18 31.10 6.85 -8.61
N GLY A 19 30.94 5.66 -9.17
CA GLY A 19 30.51 5.51 -10.54
C GLY A 19 29.32 6.41 -10.83
N ILE A 20 28.34 6.39 -9.92
CA ILE A 20 27.15 7.23 -10.01
C ILE A 20 27.53 8.70 -10.03
N PHE A 21 28.15 9.14 -8.93
CA PHE A 21 28.54 10.54 -8.76
C PHE A 21 29.26 11.05 -10.00
N GLU A 22 30.08 10.20 -10.59
CA GLU A 22 30.83 10.58 -11.78
C GLU A 22 29.93 10.82 -12.99
N MET A 23 28.68 10.36 -12.90
CA MET A 23 27.70 10.61 -13.96
C MET A 23 27.10 12.00 -13.82
N GLY A 24 27.04 12.50 -12.59
CA GLY A 24 26.43 13.78 -12.29
C GLY A 24 25.20 13.65 -11.42
N TRP A 25 24.84 12.41 -11.12
CA TRP A 25 23.65 12.12 -10.33
C TRP A 25 23.91 12.42 -8.86
N GLU A 26 23.62 13.64 -8.45
CA GLU A 26 23.92 14.09 -7.10
C GLU A 26 22.88 13.57 -6.12
N LYS A 27 21.63 13.55 -6.55
CA LYS A 27 20.52 13.09 -5.72
C LYS A 27 19.56 12.23 -6.52
N PRO A 28 18.93 11.24 -5.87
CA PRO A 28 18.05 10.32 -6.60
C PRO A 28 16.76 10.96 -7.08
N SER A 29 16.35 10.63 -8.31
CA SER A 29 15.07 11.08 -8.84
C SER A 29 13.96 10.30 -8.15
N PRO A 30 12.71 10.82 -8.15
CA PRO A 30 11.57 10.16 -7.48
C PRO A 30 11.42 8.69 -7.87
N ILE A 31 11.56 8.39 -9.15
CA ILE A 31 11.45 7.01 -9.62
C ILE A 31 12.59 6.16 -9.05
N GLN A 32 13.77 6.74 -8.95
CA GLN A 32 14.91 6.07 -8.35
C GLN A 32 14.63 5.90 -6.87
N GLU A 33 14.11 6.97 -6.26
CA GLU A 33 13.73 7.00 -4.85
C GLU A 33 12.66 5.96 -4.56
N GLU A 34 11.83 5.69 -5.54
CA GLU A 34 10.79 4.68 -5.42
C GLU A 34 11.33 3.27 -5.60
N SER A 35 12.01 3.04 -6.73
CA SER A 35 12.35 1.69 -7.17
C SER A 35 13.62 1.12 -6.55
N ILE A 36 14.59 1.97 -6.22
CA ILE A 36 15.87 1.48 -5.71
C ILE A 36 15.71 0.67 -4.41
N PRO A 37 15.21 1.31 -3.34
CA PRO A 37 15.16 0.59 -2.06
C PRO A 37 14.22 -0.63 -2.08
N ILE A 38 13.29 -0.66 -3.02
CA ILE A 38 12.35 -1.77 -3.15
C ILE A 38 13.03 -2.94 -3.85
N ALA A 39 13.84 -2.64 -4.86
CA ALA A 39 14.51 -3.67 -5.64
C ALA A 39 15.56 -4.37 -4.78
N LEU A 40 16.27 -3.60 -3.96
CA LEU A 40 17.30 -4.14 -3.09
C LEU A 40 16.70 -5.05 -2.01
N SER A 41 15.39 -4.98 -1.85
CA SER A 41 14.70 -5.80 -0.85
C SER A 41 14.25 -7.13 -1.48
N GLY A 42 14.30 -7.19 -2.81
CA GLY A 42 13.97 -8.40 -3.55
C GLY A 42 12.62 -8.32 -4.23
N ARG A 43 11.85 -7.29 -3.89
CA ARG A 43 10.48 -7.17 -4.38
C ARG A 43 10.47 -6.87 -5.87
N ASP A 44 9.57 -7.52 -6.59
CA ASP A 44 9.36 -7.24 -8.00
C ASP A 44 8.70 -5.87 -8.15
N ILE A 45 8.88 -5.25 -9.30
CA ILE A 45 8.36 -3.91 -9.55
C ILE A 45 7.52 -3.86 -10.81
N LEU A 46 6.39 -3.17 -10.68
CA LEU A 46 5.54 -2.85 -11.81
C LEU A 46 5.35 -1.34 -11.83
N ALA A 47 5.96 -0.68 -12.81
CA ALA A 47 6.06 0.77 -12.80
C ALA A 47 5.67 1.41 -14.12
N ARG A 48 4.91 2.49 -14.02
CA ARG A 48 4.50 3.27 -15.16
C ARG A 48 5.43 4.47 -15.31
N ALA A 49 6.09 4.59 -16.46
CA ALA A 49 7.00 5.71 -16.69
C ALA A 49 7.22 5.96 -18.18
N LYS A 50 7.35 7.24 -18.54
CA LYS A 50 7.47 7.65 -19.93
C LYS A 50 8.70 7.02 -20.59
N ASN A 51 8.64 6.89 -21.91
CA ASN A 51 9.71 6.27 -22.68
C ASN A 51 11.02 7.07 -22.63
N GLY A 52 10.95 8.30 -22.11
CA GLY A 52 12.13 9.13 -21.95
C GLY A 52 12.98 8.70 -20.77
N THR A 53 14.05 7.96 -21.07
CA THR A 53 14.92 7.39 -20.02
C THR A 53 16.07 8.32 -19.63
N GLY A 54 16.10 8.82 -18.39
CA GLY A 54 15.05 8.65 -17.40
C GLY A 54 15.18 7.41 -16.53
N LYS A 55 14.42 6.37 -16.85
CA LYS A 55 14.34 5.19 -16.00
C LYS A 55 15.57 4.28 -16.12
N SER A 56 16.51 4.63 -17.00
CA SER A 56 17.71 3.84 -17.16
C SER A 56 18.43 3.67 -15.82
N GLY A 57 18.76 4.79 -15.19
CA GLY A 57 19.47 4.76 -13.92
C GLY A 57 18.66 4.13 -12.80
N ALA A 58 17.34 4.07 -12.97
CA ALA A 58 16.46 3.62 -11.90
C ALA A 58 16.62 2.15 -11.58
N TYR A 59 16.86 1.32 -12.61
CA TYR A 59 16.92 -0.13 -12.42
C TYR A 59 18.33 -0.69 -12.61
N LEU A 60 19.29 0.15 -13.02
CA LEU A 60 20.67 -0.29 -13.18
C LEU A 60 21.39 -0.31 -11.85
N ILE A 61 21.24 0.77 -11.10
CA ILE A 61 21.84 0.90 -9.78
C ILE A 61 21.54 -0.32 -8.88
N PRO A 62 20.25 -0.65 -8.71
CA PRO A 62 19.97 -1.80 -7.84
C PRO A 62 20.45 -3.10 -8.45
N LEU A 63 20.43 -3.15 -9.78
CA LEU A 63 20.85 -4.34 -10.52
C LEU A 63 22.34 -4.61 -10.31
N LEU A 64 23.15 -3.58 -10.49
CA LEU A 64 24.60 -3.69 -10.31
C LEU A 64 24.95 -4.05 -8.87
N GLU A 65 24.13 -3.56 -7.94
CA GLU A 65 24.38 -3.77 -6.51
C GLU A 65 24.15 -5.22 -6.08
N ARG A 66 23.20 -5.90 -6.73
CA ARG A 66 22.88 -7.28 -6.37
C ARG A 66 23.98 -8.24 -6.82
N LEU A 67 24.77 -7.81 -7.80
CA LEU A 67 25.79 -8.66 -8.40
C LEU A 67 26.79 -9.17 -7.38
N ASP A 68 27.18 -10.42 -7.56
CA ASP A 68 28.29 -11.04 -6.84
C ASP A 68 29.36 -11.37 -7.87
N LEU A 69 30.42 -10.56 -7.91
CA LEU A 69 31.43 -10.66 -8.96
C LEU A 69 32.40 -11.84 -8.77
N LYS A 70 32.25 -12.56 -7.66
CA LYS A 70 33.03 -13.78 -7.44
C LYS A 70 32.45 -14.92 -8.27
N LYS A 71 31.36 -14.62 -8.98
CA LYS A 71 30.66 -15.60 -9.80
C LYS A 71 30.67 -15.15 -11.25
N ASP A 72 30.94 -16.08 -12.15
CA ASP A 72 31.18 -15.77 -13.56
C ASP A 72 29.93 -16.01 -14.42
N ASN A 73 28.85 -16.43 -13.77
CA ASN A 73 27.61 -16.69 -14.49
C ASN A 73 26.88 -15.39 -14.77
N ILE A 74 25.93 -15.44 -15.69
CA ILE A 74 25.02 -14.32 -15.88
C ILE A 74 24.11 -14.28 -14.66
N GLN A 75 23.92 -13.08 -14.12
CA GLN A 75 23.11 -12.90 -12.92
C GLN A 75 21.98 -11.92 -13.17
N ALA A 76 22.10 -11.15 -14.25
CA ALA A 76 21.12 -10.12 -14.55
C ALA A 76 20.92 -9.95 -16.05
N MET A 77 19.69 -9.60 -16.43
CA MET A 77 19.36 -9.35 -17.82
C MET A 77 18.50 -8.10 -17.95
N VAL A 78 18.51 -7.48 -19.11
CA VAL A 78 17.72 -6.29 -19.37
C VAL A 78 17.22 -6.31 -20.80
N ILE A 79 15.91 -6.43 -20.95
CA ILE A 79 15.32 -6.59 -22.28
C ILE A 79 14.70 -5.29 -22.75
N VAL A 80 14.95 -4.96 -24.02
CA VAL A 80 14.42 -3.75 -24.61
C VAL A 80 13.88 -4.01 -26.01
N PRO A 81 12.89 -3.22 -26.45
CA PRO A 81 12.26 -3.44 -27.76
C PRO A 81 13.19 -3.11 -28.93
N THR A 82 13.76 -1.90 -28.92
CA THR A 82 14.57 -1.43 -30.04
C THR A 82 16.07 -1.62 -29.78
N ARG A 83 16.84 -1.66 -30.86
CA ARG A 83 18.29 -1.70 -30.78
C ARG A 83 18.83 -0.35 -30.32
N GLU A 84 18.08 0.70 -30.68
CA GLU A 84 18.42 2.07 -30.32
C GLU A 84 18.57 2.22 -28.81
N LEU A 85 17.70 1.54 -28.08
CA LEU A 85 17.66 1.67 -26.63
C LEU A 85 18.72 0.79 -25.95
N ALA A 86 19.04 -0.33 -26.57
CA ALA A 86 20.02 -1.27 -26.02
C ALA A 86 21.36 -0.58 -25.82
N LEU A 87 21.76 0.20 -26.83
CA LEU A 87 22.98 0.99 -26.77
C LEU A 87 22.88 2.04 -25.67
N GLN A 88 21.75 2.74 -25.67
CA GLN A 88 21.47 3.81 -24.71
C GLN A 88 21.62 3.32 -23.27
N VAL A 89 21.04 2.16 -22.98
CA VAL A 89 21.10 1.58 -21.64
C VAL A 89 22.48 0.99 -21.34
N SER A 90 23.01 0.22 -22.29
CA SER A 90 24.28 -0.46 -22.10
C SER A 90 25.39 0.55 -21.81
N GLN A 91 25.45 1.60 -22.61
CA GLN A 91 26.49 2.61 -22.47
C GLN A 91 26.46 3.19 -21.05
N ILE A 92 25.26 3.45 -20.56
CA ILE A 92 25.08 3.98 -19.21
C ILE A 92 25.55 2.94 -18.21
N CYS A 93 25.05 1.72 -18.33
CA CYS A 93 25.40 0.66 -17.39
C CYS A 93 26.91 0.51 -17.27
N ILE A 94 27.59 0.61 -18.40
CA ILE A 94 29.05 0.59 -18.41
C ILE A 94 29.60 1.79 -17.66
N GLN A 95 29.13 2.98 -18.04
CA GLN A 95 29.64 4.21 -17.45
C GLN A 95 29.35 4.31 -15.95
N VAL A 96 28.35 3.57 -15.48
CA VAL A 96 28.05 3.56 -14.04
C VAL A 96 28.94 2.57 -13.30
N SER A 97 29.34 1.49 -13.98
CA SER A 97 30.04 0.39 -13.34
C SER A 97 31.56 0.42 -13.58
N LYS A 98 32.06 1.55 -14.04
CA LYS A 98 33.46 1.66 -14.46
C LYS A 98 34.44 1.37 -13.33
N HIS A 99 34.06 1.72 -12.10
CA HIS A 99 34.91 1.49 -10.94
C HIS A 99 34.67 0.13 -10.31
N MET A 100 33.64 -0.56 -10.79
CA MET A 100 33.42 -1.94 -10.37
C MET A 100 34.44 -2.84 -11.06
N GLY A 101 35.13 -3.66 -10.27
CA GLY A 101 36.26 -4.43 -10.77
C GLY A 101 35.84 -5.68 -11.53
N GLY A 102 35.92 -5.62 -12.85
CA GLY A 102 35.67 -6.78 -13.68
C GLY A 102 34.19 -7.02 -13.95
N ALA A 103 33.42 -5.94 -14.02
CA ALA A 103 32.00 -6.03 -14.34
C ALA A 103 31.79 -6.04 -15.85
N LYS A 104 31.51 -7.21 -16.40
CA LYS A 104 31.40 -7.37 -17.85
C LYS A 104 29.96 -7.15 -18.33
N VAL A 105 29.78 -6.15 -19.18
CA VAL A 105 28.48 -5.80 -19.75
C VAL A 105 28.43 -6.19 -21.22
N MET A 106 27.40 -6.94 -21.59
CA MET A 106 27.24 -7.39 -22.98
C MET A 106 25.93 -6.88 -23.56
N ALA A 107 26.04 -6.17 -24.68
CA ALA A 107 24.89 -5.60 -25.36
C ALA A 107 24.75 -6.21 -26.76
N THR A 108 23.82 -7.15 -26.90
CA THR A 108 23.66 -7.89 -28.15
C THR A 108 22.23 -7.77 -28.72
N THR A 109 22.14 -7.21 -29.92
CA THR A 109 20.86 -7.07 -30.63
C THR A 109 20.92 -7.80 -31.97
N GLY A 110 19.87 -7.64 -32.76
CA GLY A 110 19.83 -8.23 -34.09
C GLY A 110 20.57 -7.36 -35.09
N GLY A 111 21.19 -6.30 -34.60
CA GLY A 111 21.97 -5.39 -35.43
C GLY A 111 23.46 -5.67 -35.29
N THR A 112 23.85 -6.26 -34.17
CA THR A 112 25.25 -6.64 -33.94
C THR A 112 25.52 -8.00 -34.57
N ASN A 113 26.76 -8.21 -35.02
CA ASN A 113 27.10 -9.46 -35.69
C ASN A 113 26.95 -10.65 -34.75
N LEU A 114 26.12 -11.60 -35.18
CA LEU A 114 25.76 -12.77 -34.39
C LEU A 114 27.00 -13.58 -33.98
N ARG A 115 27.83 -13.90 -34.96
CA ARG A 115 28.99 -14.77 -34.76
C ARG A 115 29.93 -14.26 -33.67
N ASP A 116 30.31 -12.98 -33.76
CA ASP A 116 31.22 -12.37 -32.80
C ASP A 116 30.64 -12.41 -31.39
N ASP A 117 29.30 -12.38 -31.31
CA ASP A 117 28.60 -12.42 -30.03
C ASP A 117 28.51 -13.85 -29.51
N ILE A 118 28.32 -14.82 -30.41
CA ILE A 118 28.39 -16.23 -30.03
C ILE A 118 29.76 -16.47 -29.42
N MET A 119 30.78 -15.91 -30.07
CA MET A 119 32.15 -16.05 -29.58
C MET A 119 32.31 -15.40 -28.22
N ARG A 120 32.01 -14.10 -28.14
CA ARG A 120 32.20 -13.31 -26.93
C ARG A 120 31.62 -13.96 -25.66
N LEU A 121 30.58 -14.78 -25.83
CA LEU A 121 29.84 -15.31 -24.70
C LEU A 121 30.56 -16.48 -24.02
N ASP A 122 31.63 -16.96 -24.63
CA ASP A 122 32.43 -18.02 -24.03
C ASP A 122 33.19 -17.49 -22.82
N ASP A 123 33.23 -16.16 -22.70
CA ASP A 123 33.89 -15.51 -21.58
C ASP A 123 32.88 -15.07 -20.54
N THR A 124 33.38 -14.61 -19.39
CA THR A 124 32.54 -14.22 -18.28
C THR A 124 31.69 -13.00 -18.63
N VAL A 125 30.38 -13.13 -18.41
CA VAL A 125 29.45 -12.01 -18.59
C VAL A 125 28.39 -12.05 -17.48
N HIS A 126 28.26 -10.93 -16.77
CA HIS A 126 27.33 -10.83 -15.64
C HIS A 126 25.99 -10.23 -16.08
N VAL A 127 26.07 -9.13 -16.82
CA VAL A 127 24.89 -8.39 -17.24
C VAL A 127 24.70 -8.47 -18.75
N VAL A 128 23.49 -8.83 -19.16
CA VAL A 128 23.14 -8.89 -20.58
C VAL A 128 22.09 -7.84 -20.90
N ILE A 129 22.25 -7.18 -22.03
CA ILE A 129 21.32 -6.18 -22.52
C ILE A 129 20.98 -6.48 -23.97
N ALA A 130 19.82 -7.05 -24.22
CA ALA A 130 19.50 -7.56 -25.54
C ALA A 130 18.07 -7.26 -25.95
N THR A 131 17.82 -7.37 -27.25
CA THR A 131 16.47 -7.40 -27.78
C THR A 131 16.01 -8.85 -27.73
N PRO A 132 14.69 -9.08 -27.64
CA PRO A 132 14.13 -10.42 -27.41
C PRO A 132 14.59 -11.46 -28.43
N GLY A 133 14.48 -11.10 -29.71
CA GLY A 133 14.75 -12.02 -30.80
C GLY A 133 16.15 -12.58 -30.70
N ARG A 134 17.11 -11.73 -30.36
CA ARG A 134 18.50 -12.15 -30.28
C ARG A 134 18.74 -12.97 -29.01
N ILE A 135 18.33 -12.45 -27.86
CA ILE A 135 18.61 -13.11 -26.59
C ILE A 135 18.01 -14.51 -26.56
N LEU A 136 16.79 -14.65 -27.08
CA LEU A 136 16.15 -15.95 -27.10
C LEU A 136 16.98 -16.90 -27.97
N ASP A 137 17.46 -16.36 -29.09
CA ASP A 137 18.29 -17.11 -30.01
C ASP A 137 19.54 -17.60 -29.29
N LEU A 138 20.17 -16.70 -28.54
CA LEU A 138 21.38 -17.03 -27.79
C LEU A 138 21.10 -18.05 -26.69
N ILE A 139 19.95 -17.93 -26.02
CA ILE A 139 19.60 -18.84 -24.93
C ILE A 139 19.33 -20.25 -25.44
N LYS A 140 18.50 -20.38 -26.47
CA LYS A 140 18.06 -21.69 -26.92
C LYS A 140 19.20 -22.52 -27.51
N LYS A 141 20.21 -21.85 -28.07
CA LYS A 141 21.35 -22.55 -28.64
C LYS A 141 22.17 -23.23 -27.53
N GLY A 142 22.17 -22.61 -26.35
CA GLY A 142 22.88 -23.12 -25.20
C GLY A 142 24.12 -22.29 -24.86
N VAL A 143 24.41 -21.30 -25.71
CA VAL A 143 25.56 -20.44 -25.51
C VAL A 143 25.37 -19.61 -24.26
N ALA A 144 24.19 -19.01 -24.12
CA ALA A 144 23.88 -18.14 -22.99
C ALA A 144 23.37 -18.95 -21.80
N LYS A 145 24.24 -19.16 -20.82
CA LYS A 145 23.90 -19.91 -19.61
C LYS A 145 23.12 -19.02 -18.65
N VAL A 146 21.82 -19.30 -18.52
CA VAL A 146 20.91 -18.39 -17.81
C VAL A 146 20.29 -19.00 -16.56
N ASP A 147 20.81 -20.15 -16.13
CA ASP A 147 20.26 -20.83 -14.96
C ASP A 147 20.75 -20.21 -13.65
N HIS A 148 21.41 -19.04 -13.75
CA HIS A 148 21.95 -18.34 -12.58
C HIS A 148 21.43 -16.91 -12.49
N VAL A 149 20.52 -16.54 -13.38
CA VAL A 149 19.94 -15.20 -13.36
C VAL A 149 19.11 -15.01 -12.09
N GLN A 150 19.25 -13.85 -11.46
CA GLN A 150 18.51 -13.53 -10.24
C GLN A 150 17.71 -12.24 -10.39
N MET A 151 17.75 -11.66 -11.60
CA MET A 151 17.06 -10.41 -11.86
C MET A 151 16.92 -10.13 -13.35
N ILE A 152 15.72 -9.74 -13.77
CA ILE A 152 15.47 -9.38 -15.15
C ILE A 152 14.64 -8.10 -15.24
N VAL A 153 14.92 -7.29 -16.25
CA VAL A 153 14.27 -5.98 -16.40
C VAL A 153 13.58 -5.85 -17.75
N LEU A 154 12.30 -5.49 -17.71
CA LEU A 154 11.56 -5.18 -18.91
C LEU A 154 11.37 -3.68 -19.02
N ASP A 155 12.09 -3.07 -19.95
CA ASP A 155 11.99 -1.64 -20.19
C ASP A 155 11.12 -1.41 -21.41
N GLU A 156 10.17 -0.50 -21.30
CA GLU A 156 9.17 -0.28 -22.34
C GLU A 156 8.48 -1.60 -22.68
N ALA A 157 7.92 -2.25 -21.65
CA ALA A 157 7.32 -3.57 -21.79
C ALA A 157 6.07 -3.55 -22.66
N ASP A 158 5.44 -2.37 -22.79
CA ASP A 158 4.26 -2.25 -23.63
C ASP A 158 4.60 -2.66 -25.07
N LYS A 159 5.85 -2.44 -25.46
CA LYS A 159 6.32 -2.80 -26.79
C LYS A 159 6.82 -4.24 -26.81
N LEU A 160 7.37 -4.68 -25.68
CA LEU A 160 7.90 -6.04 -25.56
C LEU A 160 6.78 -7.07 -25.48
N LEU A 161 5.60 -6.62 -25.06
CA LEU A 161 4.47 -7.52 -24.88
C LEU A 161 3.44 -7.38 -26.00
N SER A 162 3.80 -6.67 -27.07
CA SER A 162 2.98 -6.63 -28.27
C SER A 162 2.97 -8.02 -28.91
N GLN A 163 2.05 -8.24 -29.83
CA GLN A 163 1.87 -9.56 -30.45
C GLN A 163 3.15 -10.07 -31.11
N ASP A 164 3.98 -9.14 -31.58
CA ASP A 164 5.20 -9.51 -32.27
C ASP A 164 6.22 -10.13 -31.32
N PHE A 165 6.32 -9.57 -30.11
CA PHE A 165 7.38 -9.95 -29.18
C PHE A 165 6.87 -10.79 -28.00
N VAL A 166 5.55 -10.93 -27.89
CA VAL A 166 4.96 -11.48 -26.68
C VAL A 166 5.41 -12.92 -26.40
N GLN A 167 5.37 -13.77 -27.43
CA GLN A 167 5.67 -15.18 -27.24
C GLN A 167 7.15 -15.36 -26.93
N ILE A 168 7.98 -14.59 -27.65
CA ILE A 168 9.42 -14.53 -27.39
C ILE A 168 9.63 -14.29 -25.91
N MET A 169 9.09 -13.15 -25.46
CA MET A 169 9.21 -12.70 -24.08
C MET A 169 8.72 -13.78 -23.14
N GLU A 170 7.64 -14.44 -23.50
CA GLU A 170 7.11 -15.52 -22.68
C GLU A 170 8.11 -16.67 -22.56
N ASP A 171 8.61 -17.14 -23.70
CA ASP A 171 9.56 -18.26 -23.73
C ASP A 171 10.79 -17.95 -22.89
N ILE A 172 11.30 -16.74 -23.02
CA ILE A 172 12.52 -16.36 -22.30
C ILE A 172 12.39 -16.56 -20.80
N ILE A 173 11.22 -16.28 -20.23
CA ILE A 173 11.04 -16.42 -18.78
C ILE A 173 11.05 -17.88 -18.36
N LEU A 174 10.53 -18.74 -19.23
CA LEU A 174 10.46 -20.17 -18.96
C LEU A 174 11.84 -20.77 -18.74
N THR A 175 12.85 -20.14 -19.37
CA THR A 175 14.23 -20.60 -19.28
C THR A 175 14.87 -20.19 -17.95
N LEU A 176 14.24 -19.22 -17.29
CA LEU A 176 14.80 -18.63 -16.08
C LEU A 176 14.32 -19.36 -14.83
N PRO A 177 14.97 -19.09 -13.68
CA PRO A 177 14.54 -19.66 -12.40
C PRO A 177 13.12 -19.26 -12.02
N LYS A 178 12.46 -20.07 -11.21
CA LYS A 178 11.07 -19.85 -10.84
C LYS A 178 10.92 -18.64 -9.91
N ASN A 179 12.03 -18.22 -9.30
CA ASN A 179 12.02 -17.17 -8.29
C ASN A 179 12.76 -15.92 -8.75
N ARG A 180 12.88 -15.72 -10.06
CA ARG A 180 13.65 -14.60 -10.57
C ARG A 180 12.92 -13.29 -10.29
N GLN A 181 13.67 -12.32 -9.80
CA GLN A 181 13.13 -11.00 -9.54
C GLN A 181 12.90 -10.26 -10.86
N ILE A 182 11.69 -9.75 -11.06
CA ILE A 182 11.35 -9.07 -12.31
C ILE A 182 10.95 -7.61 -12.06
N LEU A 183 11.58 -6.71 -12.80
CA LEU A 183 11.28 -5.29 -12.73
C LEU A 183 10.69 -4.82 -14.06
N LEU A 184 9.42 -4.42 -14.03
CA LEU A 184 8.72 -4.00 -15.23
C LEU A 184 8.53 -2.48 -15.30
N TYR A 185 8.95 -1.90 -16.43
CA TYR A 185 8.81 -0.47 -16.66
C TYR A 185 8.15 -0.26 -18.01
N SER A 186 7.03 0.45 -18.01
CA SER A 186 6.29 0.69 -19.25
C SER A 186 5.63 2.06 -19.23
N ALA A 187 5.37 2.60 -20.41
CA ALA A 187 4.75 3.92 -20.54
C ALA A 187 3.25 3.81 -20.34
N THR A 188 2.66 2.83 -21.02
CA THR A 188 1.24 2.57 -20.92
C THR A 188 1.00 1.31 -20.08
N PHE A 189 -0.25 0.99 -19.84
CA PHE A 189 -0.60 -0.21 -19.08
C PHE A 189 -1.76 -0.97 -19.72
N PRO A 190 -1.59 -1.44 -20.96
CA PRO A 190 -2.66 -2.23 -21.57
C PRO A 190 -2.81 -3.60 -20.92
N LEU A 191 -3.66 -4.45 -21.50
CA LEU A 191 -4.01 -5.72 -20.88
C LEU A 191 -2.87 -6.74 -20.94
N SER A 192 -2.01 -6.62 -21.95
CA SER A 192 -0.87 -7.51 -22.08
C SER A 192 0.04 -7.39 -20.85
N VAL A 193 0.21 -6.15 -20.39
CA VAL A 193 0.99 -5.86 -19.20
C VAL A 193 0.32 -6.49 -17.99
N GLN A 194 -1.00 -6.56 -18.06
CA GLN A 194 -1.80 -7.14 -16.99
C GLN A 194 -1.65 -8.66 -17.01
N LYS A 195 -1.60 -9.24 -18.21
CA LYS A 195 -1.28 -10.65 -18.37
C LYS A 195 0.01 -10.92 -17.67
N PHE A 196 1.05 -10.23 -18.14
CA PHE A 196 2.40 -10.46 -17.65
C PHE A 196 2.47 -10.25 -16.14
N MET A 197 1.79 -9.22 -15.66
CA MET A 197 1.73 -8.96 -14.23
C MET A 197 1.18 -10.16 -13.49
N ASN A 198 -0.06 -10.53 -13.82
CA ASN A 198 -0.75 -11.58 -13.08
C ASN A 198 -0.17 -12.96 -13.33
N SER A 199 0.53 -13.11 -14.45
CA SER A 199 1.09 -14.40 -14.85
C SER A 199 2.40 -14.73 -14.14
N HIS A 200 3.23 -13.72 -13.94
CA HIS A 200 4.63 -13.94 -13.57
C HIS A 200 5.05 -13.22 -12.30
N LEU A 201 4.79 -11.91 -12.25
CA LEU A 201 5.21 -11.08 -11.11
C LEU A 201 4.60 -11.57 -9.80
N GLN A 202 5.29 -11.31 -8.71
CA GLN A 202 4.89 -11.82 -7.39
C GLN A 202 4.82 -10.72 -6.35
N LYS A 203 3.60 -10.32 -5.99
CA LYS A 203 3.37 -9.27 -5.00
C LYS A 203 4.11 -7.99 -5.36
N PRO A 204 4.02 -7.57 -6.63
CA PRO A 204 4.83 -6.44 -7.12
C PRO A 204 4.45 -5.11 -6.50
N TYR A 205 5.44 -4.41 -5.97
CA TYR A 205 5.26 -3.04 -5.53
C TYR A 205 4.90 -2.18 -6.74
N GLU A 206 3.83 -1.40 -6.62
CA GLU A 206 3.33 -0.64 -7.76
C GLU A 206 3.82 0.81 -7.68
N ILE A 207 4.37 1.28 -8.78
CA ILE A 207 4.84 2.67 -8.88
C ILE A 207 4.06 3.40 -9.96
N ASN A 208 3.40 4.48 -9.54
CA ASN A 208 2.63 5.32 -10.44
C ASN A 208 1.49 4.51 -11.08
N LEU A 209 0.75 3.79 -10.24
CA LEU A 209 -0.35 2.93 -10.69
C LEU A 209 -1.64 3.12 -9.90
N MET A 210 -1.68 4.17 -9.07
CA MET A 210 -2.94 4.54 -8.45
C MET A 210 -3.85 4.98 -9.58
N GLU A 211 -5.15 4.81 -9.38
CA GLU A 211 -6.12 5.16 -10.42
C GLU A 211 -5.95 4.20 -11.61
N GLU A 212 -5.53 2.97 -11.32
CA GLU A 212 -5.44 1.93 -12.35
C GLU A 212 -5.87 0.61 -11.76
N LEU A 213 -6.54 -0.21 -12.56
CA LEU A 213 -7.24 -1.38 -12.04
C LEU A 213 -6.45 -2.69 -12.10
N THR A 214 -6.52 -3.44 -11.01
CA THR A 214 -5.92 -4.76 -10.94
C THR A 214 -6.81 -5.71 -10.14
N LEU A 215 -6.58 -7.01 -10.30
CA LEU A 215 -7.39 -8.01 -9.61
C LEU A 215 -6.74 -8.36 -8.27
N LYS A 216 -5.83 -7.49 -7.84
CA LYS A 216 -5.06 -7.72 -6.63
C LYS A 216 -5.96 -7.94 -5.41
N GLY A 217 -5.92 -9.15 -4.87
CA GLY A 217 -6.67 -9.49 -3.67
C GLY A 217 -7.93 -10.27 -3.96
N VAL A 218 -8.27 -10.37 -5.25
CA VAL A 218 -9.57 -10.91 -5.64
C VAL A 218 -9.53 -12.40 -6.00
N THR A 219 -10.43 -13.16 -5.37
CA THR A 219 -10.64 -14.56 -5.68
C THR A 219 -11.77 -14.67 -6.71
N GLN A 220 -11.51 -15.38 -7.80
CA GLN A 220 -12.46 -15.46 -8.91
C GLN A 220 -12.97 -16.88 -9.15
N TYR A 221 -14.29 -17.01 -9.29
CA TYR A 221 -14.91 -18.30 -9.57
C TYR A 221 -15.85 -18.24 -10.76
N TYR A 222 -16.27 -19.41 -11.24
CA TYR A 222 -17.21 -19.50 -12.36
C TYR A 222 -18.05 -20.77 -12.26
N ALA A 223 -19.34 -20.62 -12.54
CA ALA A 223 -20.28 -21.73 -12.50
C ALA A 223 -20.90 -21.96 -13.89
N TYR A 224 -21.08 -23.22 -14.23
CA TYR A 224 -21.76 -23.59 -15.48
C TYR A 224 -23.24 -23.73 -15.19
N VAL A 225 -24.00 -22.71 -15.59
CA VAL A 225 -25.41 -22.63 -15.25
C VAL A 225 -26.19 -21.97 -16.38
N THR A 226 -27.42 -22.43 -16.60
CA THR A 226 -28.28 -21.91 -17.65
C THR A 226 -29.16 -20.76 -17.16
N GLU A 227 -29.76 -20.05 -18.11
CA GLU A 227 -30.53 -18.83 -17.84
C GLU A 227 -31.67 -19.09 -16.85
N ARG A 228 -32.38 -20.19 -17.04
CA ARG A 228 -33.48 -20.56 -16.17
C ARG A 228 -32.95 -20.96 -14.79
N GLN A 229 -31.72 -21.48 -14.76
CA GLN A 229 -31.13 -21.99 -13.53
C GLN A 229 -30.39 -20.94 -12.73
N LYS A 230 -30.10 -19.80 -13.37
CA LYS A 230 -29.28 -18.75 -12.76
C LYS A 230 -29.81 -18.29 -11.39
N VAL A 231 -31.09 -17.95 -11.35
CA VAL A 231 -31.69 -17.35 -10.18
C VAL A 231 -31.58 -18.28 -8.98
N HIS A 232 -31.66 -19.59 -9.25
CA HIS A 232 -31.55 -20.59 -8.19
C HIS A 232 -30.14 -20.57 -7.63
N CYS A 233 -29.16 -20.55 -8.53
CA CYS A 233 -27.75 -20.53 -8.14
C CYS A 233 -27.52 -19.31 -7.27
N LEU A 234 -27.99 -18.17 -7.77
CA LEU A 234 -27.86 -16.91 -7.04
C LEU A 234 -28.51 -16.99 -5.66
N ASN A 235 -29.71 -17.56 -5.63
CA ASN A 235 -30.42 -17.76 -4.37
C ASN A 235 -29.57 -18.54 -3.39
N THR A 236 -28.95 -19.63 -3.88
CA THR A 236 -28.04 -20.41 -3.06
C THR A 236 -26.87 -19.57 -2.57
N LEU A 237 -26.27 -18.81 -3.48
CA LEU A 237 -25.12 -17.97 -3.16
C LEU A 237 -25.46 -16.99 -2.04
N PHE A 238 -26.66 -16.40 -2.10
CA PHE A 238 -27.12 -15.54 -1.01
C PHE A 238 -27.29 -16.31 0.29
N SER A 239 -27.44 -17.64 0.17
CA SER A 239 -27.77 -18.48 1.32
C SER A 239 -26.53 -19.14 1.93
N ARG A 240 -25.49 -19.31 1.13
CA ARG A 240 -24.25 -19.95 1.60
C ARG A 240 -23.15 -18.94 1.95
N LEU A 241 -22.99 -17.90 1.14
CA LEU A 241 -21.88 -16.97 1.31
C LEU A 241 -22.04 -16.03 2.51
N GLN A 242 -20.92 -15.74 3.16
CA GLN A 242 -20.89 -14.77 4.25
C GLN A 242 -20.65 -13.38 3.68
N ILE A 243 -21.74 -12.67 3.40
CA ILE A 243 -21.67 -11.39 2.69
C ILE A 243 -21.90 -10.18 3.61
N ASN A 244 -21.00 -9.21 3.52
CA ASN A 244 -21.26 -7.90 4.11
C ASN A 244 -22.09 -7.10 3.11
N GLN A 245 -21.42 -6.55 2.09
CA GLN A 245 -22.12 -5.94 0.96
C GLN A 245 -21.69 -6.64 -0.32
N SER A 246 -22.65 -6.79 -1.23
CA SER A 246 -22.40 -7.41 -2.53
C SER A 246 -22.77 -6.46 -3.65
N ILE A 247 -22.43 -6.85 -4.87
CA ILE A 247 -22.82 -6.13 -6.06
C ILE A 247 -23.08 -7.14 -7.17
N ILE A 248 -24.14 -6.90 -7.93
CA ILE A 248 -24.52 -7.78 -9.00
C ILE A 248 -24.56 -7.01 -10.30
N PHE A 249 -24.05 -7.63 -11.36
CA PHE A 249 -24.05 -7.02 -12.68
C PHE A 249 -24.92 -7.81 -13.63
N CYS A 250 -25.63 -7.09 -14.49
CA CYS A 250 -26.45 -7.71 -15.53
C CYS A 250 -26.19 -6.98 -16.83
N ASN A 251 -26.55 -7.61 -17.95
CA ASN A 251 -26.22 -7.08 -19.26
C ASN A 251 -27.23 -6.07 -19.80
N SER A 252 -28.26 -5.76 -19.00
CA SER A 252 -29.28 -4.83 -19.45
C SER A 252 -30.17 -4.37 -18.29
N SER A 253 -30.57 -3.10 -18.35
CA SER A 253 -31.43 -2.49 -17.32
C SER A 253 -32.74 -3.26 -17.15
N GLN A 254 -33.26 -3.78 -18.26
CA GLN A 254 -34.46 -4.61 -18.26
C GLN A 254 -34.27 -5.75 -17.26
N ARG A 255 -33.19 -6.50 -17.46
CA ARG A 255 -32.90 -7.68 -16.66
C ARG A 255 -32.53 -7.27 -15.23
N VAL A 256 -31.92 -6.10 -15.09
CA VAL A 256 -31.60 -5.56 -13.78
C VAL A 256 -32.88 -5.44 -12.97
N GLU A 257 -33.86 -4.72 -13.51
CA GLU A 257 -35.15 -4.56 -12.86
C GLU A 257 -35.81 -5.91 -12.61
N LEU A 258 -35.96 -6.68 -13.68
CA LEU A 258 -36.58 -8.00 -13.63
C LEU A 258 -35.97 -8.86 -12.54
N LEU A 259 -34.65 -8.77 -12.37
CA LEU A 259 -33.94 -9.54 -11.35
C LEU A 259 -34.16 -8.94 -9.97
N ALA A 260 -34.06 -7.62 -9.89
CA ALA A 260 -34.23 -6.89 -8.64
C ALA A 260 -35.56 -7.25 -7.99
N LYS A 261 -36.60 -7.29 -8.81
CA LYS A 261 -37.92 -7.69 -8.32
C LYS A 261 -37.92 -9.17 -7.93
N LYS A 262 -37.11 -9.96 -8.63
CA LYS A 262 -37.10 -11.41 -8.46
C LYS A 262 -36.43 -11.82 -7.14
N ILE A 263 -35.36 -11.11 -6.78
CA ILE A 263 -34.64 -11.41 -5.54
C ILE A 263 -35.25 -10.70 -4.33
N SER A 264 -36.01 -9.63 -4.57
CA SER A 264 -36.75 -8.97 -3.51
C SER A 264 -37.99 -9.78 -3.13
N GLN A 265 -38.26 -10.83 -3.91
CA GLN A 265 -39.42 -11.69 -3.70
C GLN A 265 -39.08 -12.88 -2.80
N LEU A 266 -37.80 -13.29 -2.82
CA LEU A 266 -37.36 -14.46 -2.08
C LEU A 266 -37.06 -14.15 -0.62
N GLY A 267 -37.24 -12.89 -0.23
CA GLY A 267 -37.04 -12.48 1.15
C GLY A 267 -35.75 -11.72 1.35
N TYR A 268 -35.10 -11.34 0.26
CA TYR A 268 -33.84 -10.62 0.31
C TYR A 268 -34.04 -9.14 0.01
N SER A 269 -33.10 -8.32 0.47
CA SER A 269 -33.19 -6.88 0.34
C SER A 269 -32.10 -6.34 -0.59
N CYS A 270 -32.50 -5.53 -1.56
CA CYS A 270 -31.57 -5.01 -2.55
C CYS A 270 -32.04 -3.68 -3.11
N PHE A 271 -31.08 -2.89 -3.60
CA PHE A 271 -31.36 -1.68 -4.37
C PHE A 271 -30.97 -1.96 -5.81
N TYR A 272 -31.18 -1.00 -6.69
CA TYR A 272 -30.84 -1.17 -8.09
C TYR A 272 -30.73 0.15 -8.82
N ILE A 273 -29.87 0.16 -9.84
CA ILE A 273 -29.63 1.34 -10.67
C ILE A 273 -29.32 0.92 -12.10
N HIS A 274 -29.50 1.82 -13.05
CA HIS A 274 -29.14 1.54 -14.44
C HIS A 274 -29.10 2.81 -15.28
N ALA A 275 -28.66 2.64 -16.53
CA ALA A 275 -28.43 3.75 -17.45
C ALA A 275 -29.72 4.51 -17.76
N LYS A 276 -30.85 3.82 -17.69
CA LYS A 276 -32.13 4.40 -18.03
C LYS A 276 -32.76 5.14 -16.85
N MET A 277 -31.93 5.55 -15.89
CA MET A 277 -32.37 6.36 -14.76
C MET A 277 -31.94 7.81 -14.90
N ARG A 278 -32.26 8.61 -13.89
CA ARG A 278 -31.83 9.99 -13.82
C ARG A 278 -30.63 10.10 -12.88
N GLN A 279 -29.72 11.01 -13.18
CA GLN A 279 -28.45 11.11 -12.47
C GLN A 279 -28.65 11.33 -10.96
N GLU A 280 -29.49 12.29 -10.62
CA GLU A 280 -29.72 12.63 -9.21
C GLU A 280 -30.29 11.43 -8.46
N HIS A 281 -30.93 10.53 -9.19
CA HIS A 281 -31.54 9.34 -8.58
C HIS A 281 -30.46 8.30 -8.27
N ARG A 282 -29.72 7.91 -9.29
CA ARG A 282 -28.67 6.91 -9.12
C ARG A 282 -27.66 7.39 -8.08
N ASN A 283 -27.33 8.68 -8.09
CA ASN A 283 -26.42 9.22 -7.09
C ASN A 283 -26.98 9.04 -5.68
N ARG A 284 -28.29 9.20 -5.56
CA ARG A 284 -28.97 9.07 -4.27
C ARG A 284 -28.95 7.61 -3.80
N VAL A 285 -29.32 6.70 -4.70
CA VAL A 285 -29.35 5.27 -4.36
C VAL A 285 -27.95 4.79 -4.03
N PHE A 286 -26.98 5.17 -4.86
CA PHE A 286 -25.60 4.77 -4.64
C PHE A 286 -25.12 5.33 -3.31
N HIS A 287 -25.40 6.62 -3.08
CA HIS A 287 -25.03 7.26 -1.83
C HIS A 287 -25.58 6.47 -0.65
N ASP A 288 -26.86 6.10 -0.76
CA ASP A 288 -27.50 5.34 0.30
C ASP A 288 -26.88 3.95 0.45
N PHE A 289 -26.51 3.35 -0.68
CA PHE A 289 -25.89 2.02 -0.66
C PHE A 289 -24.48 2.09 -0.10
N ARG A 290 -23.84 3.25 -0.29
CA ARG A 290 -22.48 3.47 0.19
C ARG A 290 -22.49 3.52 1.71
N ASN A 291 -23.58 4.05 2.27
CA ASN A 291 -23.74 4.16 3.71
C ASN A 291 -24.36 2.89 4.31
N GLY A 292 -24.42 1.84 3.50
CA GLY A 292 -24.78 0.52 3.99
C GLY A 292 -26.25 0.38 4.35
N LEU A 293 -27.09 1.15 3.66
CA LEU A 293 -28.52 1.08 3.91
C LEU A 293 -29.13 -0.12 3.20
N CYS A 294 -28.27 -0.94 2.60
CA CYS A 294 -28.66 -2.22 2.07
C CYS A 294 -27.43 -3.06 1.78
N ARG A 295 -27.63 -4.37 1.68
CA ARG A 295 -26.52 -5.30 1.52
C ARG A 295 -26.11 -5.40 0.06
N ASN A 296 -27.09 -5.54 -0.81
CA ASN A 296 -26.84 -5.91 -2.19
C ASN A 296 -27.30 -4.86 -3.18
N LEU A 297 -26.42 -4.57 -4.15
CA LEU A 297 -26.71 -3.62 -5.21
C LEU A 297 -26.76 -4.34 -6.55
N VAL A 298 -27.72 -3.94 -7.37
CA VAL A 298 -27.85 -4.49 -8.73
C VAL A 298 -27.63 -3.35 -9.70
N CYS A 299 -26.86 -3.58 -10.75
CA CYS A 299 -26.51 -2.50 -11.66
C CYS A 299 -25.95 -3.00 -12.99
N THR A 300 -25.92 -2.09 -13.95
CA THR A 300 -25.21 -2.31 -15.19
C THR A 300 -23.82 -1.68 -15.08
N ASP A 301 -23.11 -1.56 -16.21
CA ASP A 301 -21.82 -0.90 -16.25
C ASP A 301 -22.04 0.61 -16.28
N LEU A 302 -21.87 1.26 -15.13
CA LEU A 302 -22.14 2.70 -15.00
C LEU A 302 -20.95 3.56 -14.60
N PHE A 303 -20.18 3.06 -13.66
CA PHE A 303 -19.32 3.90 -12.83
C PHE A 303 -18.16 4.61 -13.50
N THR A 304 -17.53 3.97 -14.49
CA THR A 304 -16.39 4.56 -15.19
C THR A 304 -15.15 4.49 -14.31
N ARG A 305 -15.40 4.30 -13.01
CA ARG A 305 -14.36 4.22 -11.98
C ARG A 305 -14.20 2.78 -11.53
N GLY A 306 -13.31 2.55 -10.57
CA GLY A 306 -13.29 1.28 -9.87
C GLY A 306 -14.32 1.38 -8.75
N ILE A 307 -14.84 0.24 -8.32
CA ILE A 307 -15.77 0.22 -7.19
C ILE A 307 -15.00 0.42 -5.89
N ASP A 308 -14.97 1.66 -5.43
CA ASP A 308 -14.14 2.04 -4.29
C ASP A 308 -14.90 1.91 -2.97
N ILE A 309 -15.74 0.89 -2.86
CA ILE A 309 -16.48 0.63 -1.62
C ILE A 309 -15.85 -0.51 -0.84
N GLN A 310 -15.42 -0.20 0.37
CA GLN A 310 -14.71 -1.15 1.22
C GLN A 310 -15.54 -2.39 1.57
N ALA A 311 -16.79 -2.18 1.93
CA ALA A 311 -17.60 -3.25 2.51
C ALA A 311 -18.11 -4.24 1.46
N VAL A 312 -17.82 -3.97 0.18
CA VAL A 312 -18.24 -4.88 -0.87
C VAL A 312 -17.24 -6.02 -0.93
N ASN A 313 -17.69 -7.20 -0.48
CA ASN A 313 -16.79 -8.35 -0.36
C ASN A 313 -17.14 -9.43 -1.38
N VAL A 314 -18.16 -9.16 -2.18
CA VAL A 314 -18.57 -10.09 -3.23
C VAL A 314 -19.07 -9.32 -4.44
N VAL A 315 -18.60 -9.73 -5.61
CA VAL A 315 -19.10 -9.20 -6.87
C VAL A 315 -19.61 -10.37 -7.70
N ILE A 316 -20.79 -10.21 -8.28
CA ILE A 316 -21.39 -11.25 -9.11
C ILE A 316 -21.71 -10.75 -10.50
N ASN A 317 -21.33 -11.57 -11.49
CA ASN A 317 -21.72 -11.32 -12.86
C ASN A 317 -22.86 -12.24 -13.23
N PHE A 318 -24.08 -11.79 -12.93
CA PHE A 318 -25.28 -12.53 -13.27
C PHE A 318 -25.27 -12.84 -14.76
N ASP A 319 -25.06 -11.81 -15.55
CA ASP A 319 -24.80 -11.95 -16.97
C ASP A 319 -23.31 -11.77 -17.16
N PHE A 320 -22.70 -12.61 -17.98
CA PHE A 320 -21.27 -12.51 -18.20
C PHE A 320 -21.00 -11.55 -19.36
N PRO A 321 -19.93 -10.73 -19.24
CA PRO A 321 -19.59 -9.78 -20.31
C PRO A 321 -18.86 -10.42 -21.48
N LYS A 322 -18.70 -9.64 -22.56
CA LYS A 322 -18.03 -10.10 -23.77
C LYS A 322 -16.59 -9.62 -23.76
N LEU A 323 -16.40 -8.35 -23.41
CA LEU A 323 -15.06 -7.76 -23.38
C LEU A 323 -14.37 -7.98 -22.03
N ALA A 324 -13.04 -8.01 -22.08
CA ALA A 324 -12.23 -8.25 -20.90
C ALA A 324 -12.12 -7.00 -20.04
N GLU A 325 -11.98 -5.84 -20.67
CA GLU A 325 -11.86 -4.58 -19.96
C GLU A 325 -13.08 -4.38 -19.06
N THR A 326 -14.24 -4.78 -19.57
CA THR A 326 -15.49 -4.69 -18.82
C THR A 326 -15.39 -5.51 -17.53
N TYR A 327 -15.00 -6.77 -17.72
CA TYR A 327 -14.79 -7.68 -16.59
C TYR A 327 -13.85 -7.01 -15.59
N LEU A 328 -12.74 -6.49 -16.11
CA LEU A 328 -11.76 -5.82 -15.26
C LEU A 328 -12.40 -4.66 -14.48
N HIS A 329 -13.21 -3.85 -15.16
CA HIS A 329 -13.87 -2.71 -14.53
C HIS A 329 -14.81 -3.15 -13.42
N ARG A 330 -15.54 -4.22 -13.65
CA ARG A 330 -16.43 -4.76 -12.62
C ARG A 330 -15.65 -5.32 -11.43
N ILE A 331 -14.67 -6.17 -11.73
CA ILE A 331 -13.94 -6.92 -10.70
C ILE A 331 -12.86 -6.09 -10.01
N GLY A 332 -12.05 -5.41 -10.82
CA GLY A 332 -10.83 -4.78 -10.35
C GLY A 332 -10.98 -3.72 -9.27
N ARG A 333 -9.85 -3.39 -8.65
CA ARG A 333 -9.76 -2.29 -7.69
C ARG A 333 -8.59 -1.39 -8.07
N SER A 334 -8.57 -0.18 -7.51
CA SER A 334 -7.69 0.86 -7.99
C SER A 334 -6.36 0.93 -7.25
N GLY A 335 -5.98 -0.17 -6.60
CA GLY A 335 -4.70 -0.24 -5.91
C GLY A 335 -4.72 0.44 -4.56
N ARG A 336 -5.62 1.40 -4.40
CA ARG A 336 -5.82 2.07 -3.12
C ARG A 336 -6.62 1.18 -2.18
N PHE A 337 -7.52 0.38 -2.76
CA PHE A 337 -8.39 -0.52 -2.00
C PHE A 337 -8.01 -1.98 -2.28
N GLY A 338 -7.33 -2.59 -1.32
CA GLY A 338 -6.94 -3.98 -1.42
C GLY A 338 -7.53 -4.80 -0.29
N HIS A 339 -8.71 -5.35 -0.54
CA HIS A 339 -9.37 -6.22 0.42
C HIS A 339 -9.70 -7.53 -0.28
N LEU A 340 -9.68 -8.62 0.48
CA LEU A 340 -9.85 -9.93 -0.11
C LEU A 340 -11.31 -10.11 -0.53
N GLY A 341 -11.68 -9.46 -1.63
CA GLY A 341 -13.02 -9.55 -2.17
C GLY A 341 -13.18 -10.80 -3.01
N LEU A 342 -14.42 -11.26 -3.14
CA LEU A 342 -14.74 -12.46 -3.90
C LEU A 342 -15.39 -12.08 -5.23
N ALA A 343 -15.20 -12.90 -6.25
CA ALA A 343 -15.80 -12.67 -7.56
C ALA A 343 -16.37 -13.98 -8.12
N ILE A 344 -17.61 -13.91 -8.59
CA ILE A 344 -18.30 -15.08 -9.13
C ILE A 344 -18.90 -14.79 -10.49
N ASN A 345 -18.83 -15.77 -11.39
CA ASN A 345 -19.35 -15.62 -12.73
C ASN A 345 -20.33 -16.73 -13.10
N LEU A 346 -21.62 -16.41 -13.10
CA LEU A 346 -22.63 -17.32 -13.58
C LEU A 346 -22.60 -17.35 -15.09
N ILE A 347 -22.25 -18.49 -15.66
CA ILE A 347 -21.95 -18.58 -17.07
C ILE A 347 -22.78 -19.60 -17.82
N THR A 348 -23.37 -19.13 -18.91
CA THR A 348 -24.18 -19.96 -19.79
C THR A 348 -23.32 -20.53 -20.90
N TYR A 349 -23.96 -21.19 -21.85
CA TYR A 349 -23.25 -21.86 -22.94
C TYR A 349 -22.71 -20.85 -23.93
N ASP A 350 -23.48 -19.80 -24.18
CA ASP A 350 -23.11 -18.75 -25.10
C ASP A 350 -21.87 -17.99 -24.62
N ASP A 351 -21.49 -18.20 -23.36
CA ASP A 351 -20.47 -17.42 -22.69
C ASP A 351 -19.11 -18.10 -22.53
N ARG A 352 -19.07 -19.43 -22.70
CA ARG A 352 -17.83 -20.20 -22.48
C ARG A 352 -16.61 -19.59 -23.18
N PHE A 353 -16.68 -19.42 -24.50
CA PHE A 353 -15.54 -18.89 -25.25
C PHE A 353 -15.12 -17.50 -24.77
N ASN A 354 -15.95 -16.86 -23.95
CA ASN A 354 -15.60 -15.58 -23.37
C ASN A 354 -15.07 -15.74 -21.95
N LEU A 355 -15.38 -16.88 -21.34
CA LEU A 355 -14.86 -17.17 -20.02
C LEU A 355 -13.36 -17.42 -20.12
N LYS A 356 -12.97 -18.19 -21.12
CA LYS A 356 -11.57 -18.56 -21.31
C LYS A 356 -10.79 -17.45 -21.98
N SER A 357 -11.37 -16.82 -23.00
CA SER A 357 -10.71 -15.74 -23.72
C SER A 357 -10.36 -14.59 -22.79
N ILE A 358 -11.19 -14.40 -21.77
CA ILE A 358 -10.94 -13.37 -20.77
C ILE A 358 -9.95 -13.88 -19.74
N GLU A 359 -10.08 -15.14 -19.36
CA GLU A 359 -9.19 -15.75 -18.38
C GLU A 359 -7.75 -15.60 -18.84
N GLU A 360 -7.54 -15.84 -20.12
CA GLU A 360 -6.20 -15.75 -20.72
C GLU A 360 -5.81 -14.29 -20.93
N GLN A 361 -6.77 -13.45 -21.31
CA GLN A 361 -6.46 -12.08 -21.67
C GLN A 361 -5.99 -11.27 -20.47
N LEU A 362 -6.38 -11.68 -19.27
CA LEU A 362 -5.93 -11.01 -18.05
C LEU A 362 -4.82 -11.81 -17.40
N GLY A 363 -4.57 -13.00 -17.93
CA GLY A 363 -3.48 -13.82 -17.45
C GLY A 363 -3.70 -14.22 -16.00
N THR A 364 -4.93 -14.60 -15.67
CA THR A 364 -5.27 -15.05 -14.32
C THR A 364 -6.00 -16.37 -14.38
N GLU A 365 -6.35 -16.89 -13.20
CA GLU A 365 -6.98 -18.20 -13.08
C GLU A 365 -8.34 -18.08 -12.42
N ILE A 366 -9.36 -18.54 -13.12
CA ILE A 366 -10.72 -18.56 -12.60
C ILE A 366 -11.14 -20.00 -12.35
N LYS A 367 -11.15 -20.40 -11.09
CA LYS A 367 -11.39 -21.79 -10.72
C LYS A 367 -12.87 -22.02 -10.41
N PRO A 368 -13.39 -23.22 -10.72
CA PRO A 368 -14.78 -23.55 -10.37
C PRO A 368 -15.08 -23.46 -8.87
N ILE A 369 -16.37 -23.41 -8.52
CA ILE A 369 -16.77 -23.14 -7.13
C ILE A 369 -16.63 -24.39 -6.26
N PRO A 370 -16.00 -24.22 -5.08
CA PRO A 370 -16.05 -25.27 -4.06
C PRO A 370 -17.31 -25.14 -3.22
N SER A 371 -17.89 -26.27 -2.84
CA SER A 371 -19.00 -26.29 -1.88
C SER A 371 -18.63 -25.55 -0.61
N ASN A 372 -17.34 -25.54 -0.31
CA ASN A 372 -16.84 -24.95 0.91
C ASN A 372 -15.84 -23.84 0.60
N ILE A 373 -16.32 -22.61 0.64
CA ILE A 373 -15.48 -21.46 0.30
C ILE A 373 -14.81 -20.90 1.55
N ASP A 374 -13.49 -20.84 1.53
CA ASP A 374 -12.71 -20.35 2.66
C ASP A 374 -13.13 -18.92 2.99
N LYS A 375 -13.61 -18.73 4.21
CA LYS A 375 -14.04 -17.42 4.69
C LYS A 375 -12.86 -16.47 4.80
N SER A 376 -11.68 -17.02 5.06
CA SER A 376 -10.45 -16.23 5.13
C SER A 376 -10.17 -15.56 3.78
N LEU A 377 -10.62 -16.20 2.70
CA LEU A 377 -10.49 -15.66 1.35
C LEU A 377 -11.27 -14.35 1.15
N TYR A 378 -12.19 -14.08 2.06
CA TYR A 378 -13.01 -12.87 1.98
C TYR A 378 -13.80 -12.67 3.27
N GLY B 4 -7.68 12.41 -17.20
CA GLY B 4 -7.55 12.43 -15.76
C GLY B 4 -8.86 12.10 -15.05
N ASN B 5 -8.88 12.27 -13.73
CA ASN B 5 -10.05 11.98 -12.92
C ASN B 5 -10.65 13.26 -12.34
N GLU B 6 -11.98 13.36 -12.38
CA GLU B 6 -12.71 14.56 -11.99
C GLU B 6 -13.77 14.27 -10.93
N PHE B 7 -14.18 15.32 -10.21
CA PHE B 7 -15.12 15.22 -9.10
C PHE B 7 -16.29 14.29 -9.35
N GLU B 8 -16.96 14.47 -10.48
CA GLU B 8 -18.16 13.71 -10.80
C GLU B 8 -17.93 12.20 -10.68
N ASP B 9 -16.68 11.78 -10.87
CA ASP B 9 -16.31 10.37 -10.83
C ASP B 9 -16.44 9.80 -9.42
N TYR B 10 -16.29 10.67 -8.42
CA TYR B 10 -16.40 10.27 -7.01
C TYR B 10 -17.86 10.04 -6.59
N CYS B 11 -18.78 10.41 -7.48
CA CYS B 11 -20.22 10.30 -7.20
C CYS B 11 -20.62 11.10 -5.97
N LEU B 12 -20.89 12.39 -6.18
CA LEU B 12 -21.32 13.28 -5.10
C LEU B 12 -22.72 13.83 -5.34
N LYS B 13 -23.28 14.45 -4.31
CA LYS B 13 -24.58 15.10 -4.42
C LYS B 13 -24.47 16.33 -5.31
N ARG B 14 -25.46 16.52 -6.17
CA ARG B 14 -25.52 17.64 -7.08
C ARG B 14 -25.20 18.96 -6.35
N GLU B 15 -25.89 19.16 -5.22
CA GLU B 15 -25.75 20.36 -4.41
C GLU B 15 -24.32 20.54 -3.89
N LEU B 16 -23.65 19.42 -3.59
CA LEU B 16 -22.30 19.48 -3.06
C LEU B 16 -21.36 19.85 -4.20
N LEU B 17 -21.51 19.13 -5.31
CA LEU B 17 -20.75 19.38 -6.53
C LEU B 17 -20.94 20.85 -6.84
N MET B 18 -22.14 21.31 -6.49
CA MET B 18 -22.53 22.70 -6.62
C MET B 18 -21.73 23.69 -5.85
N GLY B 19 -21.77 23.53 -4.54
CA GLY B 19 -21.02 24.37 -3.66
C GLY B 19 -19.61 24.44 -4.18
N ILE B 20 -19.07 23.27 -4.51
CA ILE B 20 -17.70 23.16 -5.01
C ILE B 20 -17.48 24.02 -6.25
N PHE B 21 -18.17 23.70 -7.34
CA PHE B 21 -18.00 24.47 -8.58
C PHE B 21 -18.13 25.96 -8.35
N GLU B 22 -19.06 26.38 -7.50
CA GLU B 22 -19.23 27.80 -7.24
C GLU B 22 -18.03 28.43 -6.51
N MET B 23 -17.16 27.60 -5.95
CA MET B 23 -15.96 28.09 -5.27
C MET B 23 -14.86 28.44 -6.27
N GLY B 24 -14.86 27.77 -7.40
CA GLY B 24 -13.84 27.94 -8.42
C GLY B 24 -13.02 26.67 -8.58
N TRP B 25 -13.34 25.67 -7.77
CA TRP B 25 -12.61 24.42 -7.79
C TRP B 25 -13.04 23.59 -8.99
N GLU B 26 -12.32 23.76 -10.09
CA GLU B 26 -12.69 23.11 -11.34
C GLU B 26 -12.27 21.64 -11.33
N LYS B 27 -11.10 21.39 -10.75
CA LYS B 27 -10.55 20.04 -10.69
C LYS B 27 -9.93 19.78 -9.31
N PRO B 28 -9.96 18.51 -8.86
CA PRO B 28 -9.46 18.19 -7.53
C PRO B 28 -7.94 18.27 -7.42
N SER B 29 -7.46 18.82 -6.31
CA SER B 29 -6.03 18.86 -6.03
C SER B 29 -5.57 17.45 -5.64
N PRO B 30 -4.26 17.16 -5.75
CA PRO B 30 -3.72 15.83 -5.43
C PRO B 30 -4.15 15.32 -4.05
N ILE B 31 -4.12 16.18 -3.05
CA ILE B 31 -4.54 15.80 -1.71
C ILE B 31 -6.03 15.47 -1.68
N GLN B 32 -6.81 16.23 -2.44
CA GLN B 32 -8.24 15.98 -2.57
C GLN B 32 -8.42 14.67 -3.33
N GLU B 33 -7.62 14.50 -4.39
CA GLU B 33 -7.63 13.29 -5.20
C GLU B 33 -7.27 12.08 -4.36
N GLU B 34 -6.43 12.30 -3.36
CA GLU B 34 -6.03 11.23 -2.45
C GLU B 34 -7.10 10.93 -1.41
N SER B 35 -7.53 11.96 -0.69
CA SER B 35 -8.33 11.78 0.51
C SER B 35 -9.83 11.61 0.24
N ILE B 36 -10.33 12.21 -0.83
CA ILE B 36 -11.78 12.17 -1.10
C ILE B 36 -12.32 10.74 -1.26
N PRO B 37 -11.84 9.99 -2.27
CA PRO B 37 -12.42 8.67 -2.51
C PRO B 37 -12.18 7.68 -1.38
N ILE B 38 -11.16 7.94 -0.55
CA ILE B 38 -10.84 7.07 0.57
C ILE B 38 -11.78 7.33 1.74
N ALA B 39 -12.10 8.61 1.96
CA ALA B 39 -12.98 8.98 3.08
C ALA B 39 -14.39 8.46 2.82
N LEU B 40 -14.82 8.54 1.57
CA LEU B 40 -16.15 8.08 1.19
C LEU B 40 -16.31 6.56 1.31
N SER B 41 -15.18 5.86 1.46
CA SER B 41 -15.19 4.41 1.59
C SER B 41 -15.26 3.99 3.06
N GLY B 42 -15.03 4.95 3.95
CA GLY B 42 -15.12 4.72 5.38
C GLY B 42 -13.76 4.66 6.04
N ARG B 43 -12.71 4.61 5.22
CA ARG B 43 -11.35 4.43 5.72
C ARG B 43 -10.86 5.67 6.47
N ASP B 44 -10.20 5.43 7.60
CA ASP B 44 -9.58 6.51 8.35
C ASP B 44 -8.37 7.02 7.57
N ILE B 45 -7.98 8.27 7.82
CA ILE B 45 -6.88 8.89 7.08
C ILE B 45 -5.83 9.48 8.01
N LEU B 46 -4.58 9.23 7.65
CA LEU B 46 -3.44 9.86 8.29
C LEU B 46 -2.61 10.55 7.23
N ALA B 47 -2.62 11.87 7.23
CA ALA B 47 -2.08 12.63 6.11
C ALA B 47 -1.15 13.74 6.55
N ARG B 48 -0.03 13.85 5.85
CA ARG B 48 0.96 14.88 6.10
C ARG B 48 0.74 16.01 5.10
N ALA B 49 0.48 17.22 5.59
CA ALA B 49 0.26 18.36 4.71
C ALA B 49 0.50 19.69 5.42
N LYS B 50 1.05 20.66 4.69
CA LYS B 50 1.43 21.94 5.27
C LYS B 50 0.23 22.66 5.87
N ASN B 51 0.51 23.51 6.85
CA ASN B 51 -0.53 24.24 7.55
C ASN B 51 -1.29 25.21 6.65
N GLY B 52 -0.76 25.43 5.44
CA GLY B 52 -1.42 26.28 4.46
C GLY B 52 -2.62 25.60 3.83
N THR B 53 -3.81 25.94 4.31
CA THR B 53 -5.05 25.29 3.87
C THR B 53 -5.68 25.98 2.66
N GLY B 54 -5.75 25.34 1.49
CA GLY B 54 -5.15 24.03 1.22
C GLY B 54 -6.02 22.84 1.55
N LYS B 55 -5.76 22.21 2.69
CA LYS B 55 -6.41 20.95 3.03
C LYS B 55 -7.85 21.13 3.51
N SER B 56 -8.31 22.37 3.60
CA SER B 56 -9.68 22.65 4.02
C SER B 56 -10.67 21.92 3.14
N GLY B 57 -10.58 22.16 1.83
CA GLY B 57 -11.49 21.54 0.89
C GLY B 57 -11.34 20.03 0.84
N ALA B 58 -10.20 19.52 1.28
CA ALA B 58 -9.88 18.10 1.13
C ALA B 58 -10.77 17.20 2.00
N TYR B 59 -11.11 17.65 3.20
CA TYR B 59 -11.85 16.82 4.15
C TYR B 59 -13.28 17.30 4.38
N LEU B 60 -13.63 18.43 3.80
CA LEU B 60 -14.99 18.97 3.93
C LEU B 60 -15.94 18.30 2.95
N ILE B 61 -15.50 18.20 1.69
CA ILE B 61 -16.29 17.56 0.66
C ILE B 61 -16.76 16.16 1.08
N PRO B 62 -15.84 15.28 1.49
CA PRO B 62 -16.31 13.94 1.86
C PRO B 62 -17.15 13.98 3.12
N LEU B 63 -16.87 14.95 3.97
CA LEU B 63 -17.60 15.10 5.23
C LEU B 63 -19.05 15.45 4.97
N LEU B 64 -19.28 16.45 4.13
CA LEU B 64 -20.63 16.89 3.78
C LEU B 64 -21.40 15.79 3.06
N GLU B 65 -20.68 14.99 2.27
CA GLU B 65 -21.30 13.95 1.46
C GLU B 65 -21.86 12.81 2.34
N ARG B 66 -21.20 12.53 3.44
CA ARG B 66 -21.62 11.44 4.33
C ARG B 66 -22.89 11.80 5.07
N LEU B 67 -23.16 13.09 5.19
CA LEU B 67 -24.28 13.59 6.00
C LEU B 67 -25.61 13.04 5.49
N ASP B 68 -26.47 12.70 6.46
CA ASP B 68 -27.86 12.37 6.21
C ASP B 68 -28.72 13.44 6.85
N LEU B 69 -29.24 14.35 6.04
CA LEU B 69 -29.93 15.54 6.53
C LEU B 69 -31.34 15.25 7.05
N LYS B 70 -31.78 14.00 6.95
CA LYS B 70 -33.06 13.59 7.53
C LYS B 70 -32.95 13.41 9.04
N LYS B 71 -31.74 13.58 9.57
CA LYS B 71 -31.50 13.46 11.01
C LYS B 71 -30.97 14.80 11.54
N ASP B 72 -31.45 15.21 12.71
CA ASP B 72 -31.18 16.54 13.22
C ASP B 72 -30.04 16.59 14.24
N ASN B 73 -29.46 15.43 14.52
CA ASN B 73 -28.34 15.32 15.44
C ASN B 73 -27.01 15.68 14.75
N ILE B 74 -25.97 15.89 15.55
CA ILE B 74 -24.63 16.06 15.01
C ILE B 74 -24.11 14.75 14.43
N GLN B 75 -23.51 14.84 13.25
CA GLN B 75 -23.00 13.67 12.55
C GLN B 75 -21.51 13.84 12.25
N ALA B 76 -21.01 15.06 12.35
CA ALA B 76 -19.63 15.36 12.00
C ALA B 76 -19.03 16.46 12.86
N MET B 77 -17.74 16.35 13.12
CA MET B 77 -17.01 17.36 13.88
C MET B 77 -15.67 17.65 13.22
N VAL B 78 -15.13 18.84 13.50
CA VAL B 78 -13.85 19.25 12.95
C VAL B 78 -13.09 20.07 13.97
N ILE B 79 -11.98 19.54 14.44
CA ILE B 79 -11.22 20.17 15.51
C ILE B 79 -9.99 20.88 14.98
N VAL B 80 -9.77 22.10 15.48
CA VAL B 80 -8.62 22.89 15.08
C VAL B 80 -7.97 23.55 16.30
N PRO B 81 -6.67 23.83 16.22
CA PRO B 81 -5.95 24.41 17.37
C PRO B 81 -6.35 25.87 17.63
N THR B 82 -6.30 26.70 16.60
CA THR B 82 -6.53 28.14 16.75
C THR B 82 -7.98 28.52 16.41
N ARG B 83 -8.41 29.65 16.95
CA ARG B 83 -9.71 30.23 16.62
C ARG B 83 -9.66 30.80 15.20
N GLU B 84 -8.46 31.26 14.83
CA GLU B 84 -8.21 31.84 13.51
C GLU B 84 -8.59 30.86 12.41
N LEU B 85 -8.30 29.58 12.64
CA LEU B 85 -8.50 28.56 11.62
C LEU B 85 -9.96 28.09 11.61
N ALA B 86 -10.61 28.13 12.78
CA ALA B 86 -12.00 27.70 12.90
C ALA B 86 -12.90 28.52 11.98
N LEU B 87 -12.67 29.82 11.95
CA LEU B 87 -13.39 30.73 11.08
C LEU B 87 -13.09 30.39 9.62
N GLN B 88 -11.79 30.23 9.34
CA GLN B 88 -11.28 29.92 8.01
C GLN B 88 -11.96 28.69 7.42
N VAL B 89 -12.05 27.64 8.23
CA VAL B 89 -12.65 26.38 7.80
C VAL B 89 -14.18 26.49 7.73
N SER B 90 -14.78 27.06 8.78
CA SER B 90 -16.23 27.17 8.86
C SER B 90 -16.80 27.96 7.69
N GLN B 91 -16.18 29.10 7.40
CA GLN B 91 -16.64 29.96 6.32
C GLN B 91 -16.69 29.18 5.01
N ILE B 92 -15.65 28.40 4.77
CA ILE B 92 -15.55 27.57 3.58
C ILE B 92 -16.64 26.52 3.61
N CYS B 93 -16.74 25.79 4.72
CA CYS B 93 -17.71 24.72 4.84
C CYS B 93 -19.12 25.24 4.55
N ILE B 94 -19.43 26.45 5.01
CA ILE B 94 -20.70 27.08 4.69
C ILE B 94 -20.79 27.38 3.20
N GLN B 95 -19.76 28.03 2.67
CA GLN B 95 -19.79 28.43 1.26
C GLN B 95 -19.84 27.21 0.33
N VAL B 96 -19.41 26.06 0.82
CA VAL B 96 -19.49 24.82 0.04
C VAL B 96 -20.88 24.20 0.20
N SER B 97 -21.54 24.42 1.33
CA SER B 97 -22.80 23.74 1.60
C SER B 97 -24.02 24.61 1.33
N LYS B 98 -23.84 25.71 0.60
CA LYS B 98 -24.91 26.70 0.42
C LYS B 98 -26.13 26.15 -0.31
N HIS B 99 -25.92 25.23 -1.25
CA HIS B 99 -27.02 24.66 -2.02
C HIS B 99 -27.58 23.40 -1.34
N MET B 100 -26.90 22.95 -0.29
CA MET B 100 -27.41 21.85 0.52
C MET B 100 -28.56 22.37 1.39
N GLY B 101 -29.70 21.69 1.34
CA GLY B 101 -30.89 22.20 2.00
C GLY B 101 -30.92 21.94 3.49
N GLY B 102 -30.65 22.97 4.27
CA GLY B 102 -30.75 22.89 5.72
C GLY B 102 -29.52 22.29 6.36
N ALA B 103 -28.36 22.51 5.75
CA ALA B 103 -27.09 22.03 6.30
C ALA B 103 -26.56 23.06 7.30
N LYS B 104 -26.70 22.74 8.59
CA LYS B 104 -26.36 23.67 9.66
C LYS B 104 -24.92 23.51 10.14
N VAL B 105 -24.15 24.58 9.99
CA VAL B 105 -22.75 24.62 10.39
C VAL B 105 -22.57 25.51 11.62
N MET B 106 -21.94 24.97 12.65
CA MET B 106 -21.71 25.71 13.89
C MET B 106 -20.21 25.81 14.18
N ALA B 107 -19.74 27.05 14.33
CA ALA B 107 -18.33 27.31 14.61
C ALA B 107 -18.17 27.99 15.96
N THR B 108 -17.77 27.22 16.96
CA THR B 108 -17.67 27.71 18.34
C THR B 108 -16.27 27.53 18.92
N THR B 109 -15.65 28.66 19.30
CA THR B 109 -14.33 28.65 19.93
C THR B 109 -14.41 29.28 21.31
N GLY B 110 -13.26 29.45 21.95
CA GLY B 110 -13.19 30.09 23.24
C GLY B 110 -13.22 31.60 23.10
N GLY B 111 -13.39 32.08 21.87
CA GLY B 111 -13.47 33.49 21.56
C GLY B 111 -14.92 33.94 21.36
N THR B 112 -15.77 33.00 20.98
CA THR B 112 -17.19 33.27 20.80
C THR B 112 -17.92 33.18 22.14
N ASN B 113 -18.98 33.97 22.30
CA ASN B 113 -19.71 34.00 23.57
C ASN B 113 -20.33 32.64 23.88
N LEU B 114 -19.96 32.11 25.04
CA LEU B 114 -20.37 30.78 25.47
C LEU B 114 -21.88 30.62 25.52
N ARG B 115 -22.55 31.56 26.18
CA ARG B 115 -23.99 31.49 26.42
C ARG B 115 -24.78 31.36 25.11
N ASP B 116 -24.47 32.24 24.16
CA ASP B 116 -25.18 32.25 22.87
C ASP B 116 -25.02 30.90 22.16
N ASP B 117 -23.88 30.26 22.39
CA ASP B 117 -23.59 28.96 21.78
C ASP B 117 -24.29 27.84 22.54
N ILE B 118 -24.38 27.97 23.87
CA ILE B 118 -25.18 27.05 24.67
C ILE B 118 -26.61 27.09 24.15
N MET B 119 -27.08 28.31 23.90
CA MET B 119 -28.43 28.51 23.39
C MET B 119 -28.58 27.89 22.00
N ARG B 120 -27.74 28.34 21.08
CA ARG B 120 -27.81 27.93 19.67
C ARG B 120 -27.93 26.41 19.48
N LEU B 121 -27.38 25.65 20.41
CA LEU B 121 -27.27 24.21 20.24
C LEU B 121 -28.57 23.46 20.53
N ASP B 122 -29.56 24.15 21.06
CA ASP B 122 -30.86 23.53 21.30
C ASP B 122 -31.54 23.24 19.96
N ASP B 123 -30.99 23.82 18.90
CA ASP B 123 -31.48 23.63 17.55
C ASP B 123 -30.64 22.61 16.79
N THR B 124 -31.13 22.25 15.61
CA THR B 124 -30.47 21.26 14.77
C THR B 124 -29.08 21.72 14.31
N VAL B 125 -28.08 20.89 14.55
CA VAL B 125 -26.72 21.14 14.05
C VAL B 125 -26.08 19.83 13.60
N HIS B 126 -25.60 19.81 12.35
CA HIS B 126 -24.98 18.63 11.76
C HIS B 126 -23.45 18.65 11.89
N VAL B 127 -22.85 19.79 11.52
CA VAL B 127 -21.41 19.93 11.49
C VAL B 127 -20.92 20.92 12.54
N VAL B 128 -19.94 20.50 13.33
CA VAL B 128 -19.32 21.36 14.34
C VAL B 128 -17.86 21.64 14.02
N ILE B 129 -17.46 22.89 14.22
CA ILE B 129 -16.08 23.32 14.00
C ILE B 129 -15.61 24.09 15.23
N ALA B 130 -14.80 23.45 16.06
CA ALA B 130 -14.45 24.04 17.35
C ALA B 130 -12.99 23.85 17.71
N THR B 131 -12.55 24.65 18.68
CA THR B 131 -11.28 24.42 19.35
C THR B 131 -11.56 23.46 20.50
N PRO B 132 -10.56 22.68 20.93
CA PRO B 132 -10.74 21.60 21.91
C PRO B 132 -11.38 22.05 23.21
N GLY B 133 -10.85 23.14 23.77
CA GLY B 133 -11.27 23.62 25.08
C GLY B 133 -12.75 23.90 25.13
N ARG B 134 -13.27 24.49 24.06
CA ARG B 134 -14.68 24.84 24.01
C ARG B 134 -15.54 23.61 23.78
N ILE B 135 -15.21 22.83 22.76
CA ILE B 135 -16.03 21.67 22.39
C ILE B 135 -16.12 20.69 23.55
N LEU B 136 -15.02 20.47 24.24
CA LEU B 136 -15.04 19.56 25.37
C LEU B 136 -15.98 20.11 26.44
N ASP B 137 -15.91 21.43 26.63
CA ASP B 137 -16.76 22.13 27.58
C ASP B 137 -18.22 21.89 27.23
N LEU B 138 -18.55 22.06 25.95
CA LEU B 138 -19.92 21.86 25.47
C LEU B 138 -20.37 20.40 25.59
N ILE B 139 -19.48 19.46 25.32
CA ILE B 139 -19.82 18.05 25.40
C ILE B 139 -20.08 17.62 26.84
N LYS B 140 -19.17 18.00 27.74
CA LYS B 140 -19.23 17.52 29.11
C LYS B 140 -20.49 18.02 29.84
N LYS B 141 -20.98 19.19 29.45
CA LYS B 141 -22.17 19.76 30.06
C LYS B 141 -23.42 18.96 29.69
N GLY B 142 -23.43 18.39 28.49
CA GLY B 142 -24.55 17.61 28.01
C GLY B 142 -25.33 18.32 26.91
N VAL B 143 -24.96 19.56 26.63
CA VAL B 143 -25.63 20.37 25.60
C VAL B 143 -25.37 19.75 24.22
N ALA B 144 -24.11 19.42 23.96
CA ALA B 144 -23.70 18.87 22.68
C ALA B 144 -23.89 17.35 22.64
N LYS B 145 -24.95 16.92 21.95
CA LYS B 145 -25.28 15.51 21.81
C LYS B 145 -24.40 14.87 20.74
N VAL B 146 -23.44 14.06 21.17
CA VAL B 146 -22.38 13.56 20.29
C VAL B 146 -22.39 12.04 20.12
N ASP B 147 -23.45 11.38 20.58
CA ASP B 147 -23.52 9.93 20.52
C ASP B 147 -23.90 9.41 19.13
N HIS B 148 -23.92 10.30 18.14
CA HIS B 148 -24.29 9.93 16.77
C HIS B 148 -23.23 10.36 15.74
N VAL B 149 -22.09 10.86 16.20
CA VAL B 149 -21.02 11.28 15.31
C VAL B 149 -20.49 10.07 14.53
N GLN B 150 -20.26 10.27 13.24
CA GLN B 150 -19.74 9.21 12.37
C GLN B 150 -18.46 9.63 11.67
N MET B 151 -17.97 10.83 11.99
CA MET B 151 -16.77 11.36 11.37
C MET B 151 -16.20 12.54 12.14
N ILE B 152 -14.90 12.51 12.38
CA ILE B 152 -14.19 13.61 13.04
C ILE B 152 -12.87 13.92 12.36
N VAL B 153 -12.52 15.20 12.32
CA VAL B 153 -11.34 15.66 11.60
C VAL B 153 -10.39 16.42 12.52
N LEU B 154 -9.13 15.99 12.52
CA LEU B 154 -8.09 16.71 13.23
C LEU B 154 -7.22 17.43 12.23
N ASP B 155 -7.35 18.75 12.19
CA ASP B 155 -6.56 19.59 11.30
C ASP B 155 -5.44 20.23 12.10
N GLU B 156 -4.22 20.16 11.57
CA GLU B 156 -3.02 20.60 12.28
C GLU B 156 -2.95 19.88 13.63
N ALA B 157 -2.98 18.55 13.57
CA ALA B 157 -3.04 17.72 14.77
C ALA B 157 -1.76 17.80 15.60
N ASP B 158 -0.64 18.19 14.96
CA ASP B 158 0.62 18.34 15.66
C ASP B 158 0.47 19.35 16.80
N LYS B 159 -0.42 20.31 16.61
CA LYS B 159 -0.70 21.33 17.61
C LYS B 159 -1.78 20.86 18.58
N LEU B 160 -2.71 20.04 18.07
CA LEU B 160 -3.80 19.52 18.88
C LEU B 160 -3.32 18.44 19.83
N LEU B 161 -2.19 17.83 19.51
CA LEU B 161 -1.66 16.73 20.31
C LEU B 161 -0.47 17.17 21.16
N SER B 162 -0.24 18.48 21.23
CA SER B 162 0.75 19.03 22.14
C SER B 162 0.29 18.82 23.58
N GLN B 163 1.22 18.99 24.52
CA GLN B 163 0.93 18.71 25.93
C GLN B 163 -0.25 19.51 26.45
N ASP B 164 -0.46 20.68 25.86
CA ASP B 164 -1.54 21.57 26.30
C ASP B 164 -2.90 21.01 25.92
N PHE B 165 -3.00 20.42 24.73
CA PHE B 165 -4.29 20.00 24.17
C PHE B 165 -4.49 18.49 24.18
N VAL B 166 -3.46 17.74 24.52
CA VAL B 166 -3.47 16.29 24.31
C VAL B 166 -4.57 15.56 25.10
N GLN B 167 -4.69 15.88 26.37
CA GLN B 167 -5.63 15.17 27.23
C GLN B 167 -7.04 15.55 26.83
N ILE B 168 -7.23 16.83 26.54
CA ILE B 168 -8.49 17.33 26.00
C ILE B 168 -8.90 16.48 24.81
N MET B 169 -8.01 16.48 23.81
CA MET B 169 -8.25 15.76 22.57
C MET B 169 -8.60 14.32 22.83
N GLU B 170 -7.90 13.70 23.78
CA GLU B 170 -8.22 12.33 24.18
C GLU B 170 -9.65 12.23 24.74
N ASP B 171 -9.95 13.10 25.70
CA ASP B 171 -11.24 13.07 26.37
C ASP B 171 -12.35 13.18 25.34
N ILE B 172 -12.19 14.10 24.39
CA ILE B 172 -13.22 14.34 23.38
C ILE B 172 -13.54 13.08 22.57
N ILE B 173 -12.52 12.30 22.21
CA ILE B 173 -12.80 11.09 21.42
C ILE B 173 -13.43 10.08 22.35
N LEU B 174 -13.02 10.05 23.62
CA LEU B 174 -13.63 9.07 24.53
C LEU B 174 -15.16 9.19 24.57
N THR B 175 -15.67 10.39 24.27
CA THR B 175 -17.12 10.64 24.27
C THR B 175 -17.80 10.10 23.00
N LEU B 176 -17.02 9.81 21.97
CA LEU B 176 -17.55 9.43 20.66
C LEU B 176 -17.76 7.92 20.54
N PRO B 177 -18.47 7.50 19.48
CA PRO B 177 -18.66 6.06 19.19
C PRO B 177 -17.35 5.33 18.96
N LYS B 178 -17.33 4.03 19.21
CA LYS B 178 -16.12 3.23 19.09
C LYS B 178 -15.69 3.06 17.64
N ASN B 179 -16.60 3.33 16.71
CA ASN B 179 -16.37 3.08 15.29
C ASN B 179 -16.33 4.35 14.47
N ARG B 180 -16.04 5.48 15.11
CA ARG B 180 -16.07 6.76 14.42
C ARG B 180 -14.91 6.89 13.44
N GLN B 181 -15.21 7.36 12.23
CA GLN B 181 -14.19 7.57 11.23
C GLN B 181 -13.36 8.82 11.57
N ILE B 182 -12.03 8.67 11.59
CA ILE B 182 -11.15 9.78 11.94
C ILE B 182 -10.21 10.14 10.80
N LEU B 183 -10.18 11.43 10.47
CA LEU B 183 -9.30 11.95 9.43
C LEU B 183 -8.27 12.88 10.06
N LEU B 184 -7.01 12.49 10.04
CA LEU B 184 -5.94 13.26 10.65
C LEU B 184 -5.07 13.96 9.60
N TYR B 185 -4.91 15.27 9.79
CA TYR B 185 -4.08 16.09 8.90
C TYR B 185 -3.10 16.89 9.75
N SER B 186 -1.81 16.73 9.47
CA SER B 186 -0.79 17.42 10.23
C SER B 186 0.39 17.79 9.34
N ALA B 187 1.12 18.83 9.74
CA ALA B 187 2.27 19.30 8.97
C ALA B 187 3.47 18.42 9.29
N THR B 188 3.68 18.18 10.57
CA THR B 188 4.76 17.31 11.03
C THR B 188 4.19 15.96 11.48
N PHE B 189 5.08 15.06 11.84
CA PHE B 189 4.67 13.74 12.31
C PHE B 189 5.47 13.33 13.55
N PRO B 190 5.36 14.11 14.64
CA PRO B 190 6.07 13.70 15.86
C PRO B 190 5.45 12.47 16.49
N LEU B 191 5.91 12.11 17.68
CA LEU B 191 5.53 10.86 18.32
C LEU B 191 4.09 10.89 18.85
N SER B 192 3.62 12.08 19.21
CA SER B 192 2.24 12.25 19.70
C SER B 192 1.25 11.80 18.61
N VAL B 193 1.58 12.12 17.37
CA VAL B 193 0.78 11.73 16.23
C VAL B 193 0.80 10.21 16.09
N GLN B 194 1.93 9.61 16.48
CA GLN B 194 2.10 8.17 16.43
C GLN B 194 1.29 7.53 17.55
N LYS B 195 1.28 8.18 18.72
CA LYS B 195 0.43 7.77 19.82
C LYS B 195 -0.99 7.69 19.30
N PHE B 196 -1.47 8.85 18.85
CA PHE B 196 -2.85 8.97 18.41
C PHE B 196 -3.16 7.99 17.30
N MET B 197 -2.22 7.83 16.37
CA MET B 197 -2.38 6.88 15.29
C MET B 197 -2.62 5.48 15.83
N ASN B 198 -1.64 4.97 16.57
CA ASN B 198 -1.67 3.59 17.03
C ASN B 198 -2.73 3.37 18.11
N SER B 199 -3.15 4.45 18.76
CA SER B 199 -4.13 4.37 19.85
C SER B 199 -5.58 4.30 19.34
N HIS B 200 -5.87 5.02 18.27
CA HIS B 200 -7.25 5.28 17.85
C HIS B 200 -7.56 4.90 16.41
N LEU B 201 -6.73 5.35 15.48
CA LEU B 201 -6.95 5.10 14.06
C LEU B 201 -6.96 3.61 13.74
N GLN B 202 -7.69 3.23 12.71
CA GLN B 202 -7.90 1.82 12.37
C GLN B 202 -7.59 1.56 10.91
N LYS B 203 -6.44 0.93 10.66
CA LYS B 203 -6.01 0.61 9.31
C LYS B 203 -5.99 1.86 8.42
N PRO B 204 -5.43 2.97 8.92
CA PRO B 204 -5.51 4.26 8.22
C PRO B 204 -4.69 4.32 6.94
N TYR B 205 -5.34 4.73 5.86
CA TYR B 205 -4.65 4.99 4.60
C TYR B 205 -3.68 6.15 4.80
N GLU B 206 -2.43 5.95 4.40
CA GLU B 206 -1.39 6.95 4.64
C GLU B 206 -1.17 7.82 3.42
N ILE B 207 -1.20 9.14 3.64
CA ILE B 207 -0.96 10.10 2.57
C ILE B 207 0.28 10.90 2.86
N ASN B 208 1.23 10.83 1.94
CA ASN B 208 2.48 11.57 2.06
C ASN B 208 3.24 11.12 3.31
N LEU B 209 3.38 9.80 3.46
CA LEU B 209 4.07 9.22 4.63
C LEU B 209 5.11 8.16 4.27
N MET B 210 5.45 8.03 3.00
CA MET B 210 6.56 7.16 2.62
C MET B 210 7.83 7.77 3.20
N GLU B 211 8.81 6.92 3.51
CA GLU B 211 10.04 7.37 4.14
C GLU B 211 9.74 7.89 5.54
N GLU B 212 8.73 7.29 6.18
CA GLU B 212 8.39 7.60 7.57
C GLU B 212 8.01 6.33 8.30
N LEU B 213 8.36 6.24 9.58
CA LEU B 213 8.31 4.97 10.30
C LEU B 213 7.04 4.72 11.10
N THR B 214 6.52 3.50 10.99
CA THR B 214 5.37 3.07 11.78
C THR B 214 5.53 1.60 12.16
N LEU B 215 4.78 1.17 13.16
CA LEU B 215 4.85 -0.21 13.64
C LEU B 215 3.84 -1.08 12.92
N LYS B 216 3.33 -0.59 11.79
CA LYS B 216 2.31 -1.27 11.04
C LYS B 216 2.74 -2.69 10.65
N GLY B 217 2.06 -3.68 11.21
CA GLY B 217 2.31 -5.07 10.87
C GLY B 217 3.13 -5.79 11.91
N VAL B 218 3.65 -5.05 12.87
CA VAL B 218 4.63 -5.59 13.80
C VAL B 218 4.01 -6.05 15.12
N THR B 219 4.32 -7.29 15.48
CA THR B 219 3.94 -7.85 16.77
C THR B 219 5.08 -7.66 17.76
N GLN B 220 4.78 -7.07 18.91
CA GLN B 220 5.80 -6.70 19.89
C GLN B 220 5.64 -7.47 21.19
N TYR B 221 6.76 -8.01 21.68
CA TYR B 221 6.77 -8.75 22.93
C TYR B 221 7.86 -8.26 23.89
N TYR B 222 7.78 -8.70 25.14
CA TYR B 222 8.77 -8.33 26.14
C TYR B 222 8.92 -9.42 27.20
N ALA B 223 10.17 -9.70 27.56
CA ALA B 223 10.49 -10.71 28.58
C ALA B 223 11.22 -10.07 29.74
N TYR B 224 10.90 -10.52 30.95
CA TYR B 224 11.59 -10.09 32.16
C TYR B 224 12.76 -11.01 32.42
N VAL B 225 13.96 -10.55 32.09
CA VAL B 225 15.15 -11.40 32.15
C VAL B 225 16.37 -10.57 32.52
N THR B 226 17.27 -11.19 33.29
CA THR B 226 18.48 -10.52 33.75
C THR B 226 19.65 -10.72 32.79
N GLU B 227 20.70 -9.93 33.00
CA GLU B 227 21.85 -9.89 32.10
C GLU B 227 22.48 -11.26 31.91
N ARG B 228 22.63 -11.99 33.02
CA ARG B 228 23.21 -13.32 32.97
C ARG B 228 22.27 -14.31 32.29
N GLN B 229 20.96 -14.04 32.39
CA GLN B 229 19.95 -14.96 31.89
C GLN B 229 19.60 -14.71 30.42
N LYS B 230 20.00 -13.55 29.91
CA LYS B 230 19.63 -13.11 28.56
C LYS B 230 20.00 -14.13 27.48
N VAL B 231 21.24 -14.57 27.50
CA VAL B 231 21.79 -15.42 26.43
C VAL B 231 20.99 -16.71 26.33
N HIS B 232 20.53 -17.21 27.47
CA HIS B 232 19.75 -18.43 27.50
C HIS B 232 18.40 -18.21 26.83
N CYS B 233 17.76 -17.11 27.18
CA CYS B 233 16.47 -16.76 26.62
C CYS B 233 16.64 -16.67 25.11
N LEU B 234 17.67 -15.95 24.69
CA LEU B 234 17.97 -15.78 23.27
C LEU B 234 18.19 -17.13 22.59
N ASN B 235 18.96 -18.00 23.25
CA ASN B 235 19.20 -19.34 22.74
C ASN B 235 17.88 -20.06 22.50
N THR B 236 16.98 -19.97 23.47
CA THR B 236 15.64 -20.55 23.32
C THR B 236 14.89 -19.94 22.14
N LEU B 237 14.92 -18.61 22.05
CA LEU B 237 14.22 -17.91 20.98
C LEU B 237 14.70 -18.39 19.61
N PHE B 238 16.01 -18.59 19.47
CA PHE B 238 16.55 -19.16 18.24
C PHE B 238 16.05 -20.58 18.02
N SER B 239 15.64 -21.24 19.10
CA SER B 239 15.30 -22.66 19.07
C SER B 239 13.80 -22.88 18.91
N ARG B 240 13.01 -21.90 19.31
CA ARG B 240 11.55 -22.00 19.22
C ARG B 240 10.96 -21.27 18.01
N LEU B 241 11.48 -20.09 17.72
CA LEU B 241 10.91 -19.24 16.67
C LEU B 241 11.21 -19.75 15.26
N GLN B 242 10.24 -19.58 14.36
CA GLN B 242 10.42 -19.91 12.95
C GLN B 242 10.98 -18.70 12.20
N ILE B 243 12.31 -18.63 12.10
CA ILE B 243 12.99 -17.45 11.57
C ILE B 243 13.51 -17.64 10.16
N ASN B 244 13.20 -16.69 9.28
CA ASN B 244 13.88 -16.58 8.00
C ASN B 244 15.17 -15.81 8.23
N GLN B 245 15.06 -14.49 8.32
CA GLN B 245 16.18 -13.65 8.75
C GLN B 245 15.78 -12.87 10.00
N SER B 246 16.76 -12.70 10.89
CA SER B 246 16.55 -11.94 12.11
C SER B 246 17.56 -10.79 12.20
N ILE B 247 17.35 -9.92 13.18
CA ILE B 247 18.28 -8.85 13.48
C ILE B 247 18.29 -8.65 14.98
N ILE B 248 19.47 -8.45 15.52
CA ILE B 248 19.65 -8.27 16.95
C ILE B 248 20.31 -6.93 17.21
N PHE B 249 19.84 -6.24 18.23
CA PHE B 249 20.41 -4.96 18.62
C PHE B 249 21.03 -5.04 20.00
N CYS B 250 22.16 -4.36 20.16
CA CYS B 250 22.82 -4.27 21.45
C CYS B 250 23.24 -2.82 21.66
N ASN B 251 23.50 -2.45 22.90
CA ASN B 251 23.75 -1.06 23.25
C ASN B 251 25.20 -0.64 23.07
N SER B 252 26.04 -1.56 22.58
CA SER B 252 27.46 -1.25 22.41
C SER B 252 28.15 -2.27 21.52
N SER B 253 29.09 -1.78 20.72
CA SER B 253 29.87 -2.61 19.80
C SER B 253 30.61 -3.73 20.54
N GLN B 254 31.09 -3.39 21.74
CA GLN B 254 31.73 -4.35 22.62
C GLN B 254 30.81 -5.57 22.79
N ARG B 255 29.60 -5.30 23.25
CA ARG B 255 28.63 -6.35 23.56
C ARG B 255 28.17 -7.05 22.28
N VAL B 256 28.13 -6.30 21.18
CA VAL B 256 27.81 -6.87 19.88
C VAL B 256 28.79 -7.98 19.57
N GLU B 257 30.09 -7.66 19.59
CA GLU B 257 31.13 -8.65 19.35
C GLU B 257 31.03 -9.80 20.35
N LEU B 258 31.07 -9.44 21.64
CA LEU B 258 31.00 -10.40 22.73
C LEU B 258 29.84 -11.36 22.55
N LEU B 259 28.71 -10.86 22.07
CA LEU B 259 27.54 -11.68 21.85
C LEU B 259 27.70 -12.53 20.59
N ALA B 260 28.18 -11.89 19.53
CA ALA B 260 28.37 -12.54 18.23
C ALA B 260 29.23 -13.79 18.39
N LYS B 261 30.31 -13.67 19.16
CA LYS B 261 31.16 -14.81 19.46
C LYS B 261 30.45 -15.84 20.31
N LYS B 262 29.54 -15.36 21.16
CA LYS B 262 28.86 -16.22 22.13
C LYS B 262 27.81 -17.08 21.45
N ILE B 263 27.11 -16.51 20.47
CA ILE B 263 26.06 -17.23 19.75
C ILE B 263 26.61 -18.05 18.58
N SER B 264 27.79 -17.69 18.09
CA SER B 264 28.45 -18.48 17.07
C SER B 264 29.06 -19.73 17.68
N GLN B 265 29.01 -19.81 19.00
CA GLN B 265 29.57 -20.94 19.75
C GLN B 265 28.52 -22.02 19.99
N LEU B 266 27.26 -21.61 20.03
CA LEU B 266 26.16 -22.51 20.35
C LEU B 266 25.69 -23.33 19.15
N GLY B 267 26.32 -23.13 18.00
CA GLY B 267 26.01 -23.88 16.80
C GLY B 267 25.20 -23.06 15.81
N TYR B 268 25.10 -21.76 16.07
CA TYR B 268 24.32 -20.86 15.24
C TYR B 268 25.26 -20.02 14.37
N SER B 269 24.71 -19.50 13.26
CA SER B 269 25.48 -18.72 12.30
C SER B 269 24.98 -17.28 12.26
N CYS B 270 25.91 -16.34 12.36
CA CYS B 270 25.55 -14.92 12.40
C CYS B 270 26.68 -14.04 11.87
N PHE B 271 26.30 -12.85 11.39
CA PHE B 271 27.25 -11.80 11.05
C PHE B 271 27.10 -10.71 12.09
N TYR B 272 27.91 -9.65 11.98
CA TYR B 272 27.83 -8.56 12.93
C TYR B 272 28.49 -7.29 12.40
N ILE B 273 27.98 -6.15 12.86
CA ILE B 273 28.50 -4.85 12.46
C ILE B 273 28.37 -3.86 13.62
N HIS B 274 29.15 -2.80 13.59
CA HIS B 274 29.02 -1.73 14.58
C HIS B 274 29.75 -0.46 14.15
N ALA B 275 29.59 0.59 14.95
CA ALA B 275 30.09 1.91 14.61
C ALA B 275 31.61 1.96 14.49
N LYS B 276 32.29 1.08 15.21
CA LYS B 276 33.75 1.07 15.25
C LYS B 276 34.36 0.24 14.12
N MET B 277 33.59 0.07 13.04
CA MET B 277 34.08 -0.59 11.84
C MET B 277 34.39 0.43 10.77
N ARG B 278 34.82 -0.06 9.61
CA ARG B 278 35.04 0.79 8.45
C ARG B 278 33.84 0.68 7.52
N GLN B 279 33.52 1.77 6.84
CA GLN B 279 32.31 1.84 6.03
C GLN B 279 32.26 0.74 4.98
N GLU B 280 33.36 0.58 4.25
CA GLU B 280 33.45 -0.39 3.17
C GLU B 280 33.23 -1.81 3.69
N HIS B 281 33.51 -2.01 4.98
CA HIS B 281 33.37 -3.32 5.60
C HIS B 281 31.90 -3.60 5.91
N ARG B 282 31.30 -2.70 6.70
CA ARG B 282 29.91 -2.86 7.10
C ARG B 282 29.02 -2.94 5.88
N ASN B 283 29.31 -2.14 4.85
CA ASN B 283 28.54 -2.20 3.61
C ASN B 283 28.66 -3.58 2.95
N ARG B 284 29.84 -4.18 3.04
CA ARG B 284 30.09 -5.47 2.41
C ARG B 284 29.32 -6.57 3.16
N VAL B 285 29.49 -6.60 4.47
CA VAL B 285 28.79 -7.62 5.27
C VAL B 285 27.27 -7.43 5.18
N PHE B 286 26.81 -6.18 5.27
CA PHE B 286 25.39 -5.90 5.16
C PHE B 286 24.89 -6.33 3.81
N HIS B 287 25.65 -5.99 2.76
CA HIS B 287 25.31 -6.42 1.41
C HIS B 287 25.15 -7.93 1.38
N ASP B 288 26.09 -8.62 2.01
CA ASP B 288 26.05 -10.07 2.07
C ASP B 288 24.83 -10.56 2.86
N PHE B 289 24.50 -9.85 3.95
CA PHE B 289 23.37 -10.23 4.77
C PHE B 289 22.08 -9.94 4.04
N ARG B 290 22.11 -8.94 3.16
CA ARG B 290 20.94 -8.57 2.38
C ARG B 290 20.63 -9.68 1.38
N ASN B 291 21.68 -10.33 0.88
CA ASN B 291 21.52 -11.43 -0.08
C ASN B 291 21.34 -12.78 0.62
N GLY B 292 21.12 -12.74 1.93
CA GLY B 292 20.72 -13.91 2.69
C GLY B 292 21.83 -14.91 2.88
N LEU B 293 23.07 -14.43 2.93
CA LEU B 293 24.21 -15.31 3.12
C LEU B 293 24.36 -15.65 4.60
N CYS B 294 23.39 -15.22 5.39
CA CYS B 294 23.29 -15.64 6.78
C CYS B 294 21.91 -15.29 7.32
N ARG B 295 21.52 -15.96 8.41
CA ARG B 295 20.19 -15.81 8.96
C ARG B 295 20.10 -14.60 9.87
N ASN B 296 21.10 -14.44 10.74
CA ASN B 296 21.02 -13.49 11.83
C ASN B 296 22.09 -12.42 11.77
N LEU B 297 21.67 -11.17 11.97
CA LEU B 297 22.58 -10.04 12.00
C LEU B 297 22.59 -9.43 13.38
N VAL B 298 23.78 -9.05 13.83
CA VAL B 298 23.95 -8.38 15.12
C VAL B 298 24.49 -6.99 14.84
N CYS B 299 23.97 -5.98 15.52
CA CYS B 299 24.38 -4.63 15.22
C CYS B 299 23.99 -3.64 16.30
N THR B 300 24.61 -2.47 16.25
CA THR B 300 24.18 -1.33 17.06
C THR B 300 23.24 -0.46 16.22
N ASP B 301 22.96 0.74 16.71
CA ASP B 301 22.15 1.69 15.95
C ASP B 301 23.04 2.37 14.92
N LEU B 302 22.92 1.93 13.67
CA LEU B 302 23.74 2.45 12.58
C LEU B 302 22.86 3.11 11.55
N PHE B 303 21.74 2.45 11.25
CA PHE B 303 20.97 2.72 10.06
C PHE B 303 20.26 4.07 10.11
N THR B 304 20.63 4.94 9.17
CA THR B 304 20.00 6.24 9.04
C THR B 304 18.57 6.02 8.58
N ARG B 305 18.34 4.82 8.06
CA ARG B 305 17.08 4.38 7.48
C ARG B 305 16.35 3.40 8.38
N GLY B 306 15.20 2.91 7.93
CA GLY B 306 14.54 1.76 8.53
C GLY B 306 15.14 0.51 7.93
N ILE B 307 15.04 -0.63 8.62
CA ILE B 307 15.53 -1.89 8.07
C ILE B 307 14.58 -2.36 6.97
N ASP B 308 14.95 -2.05 5.73
CA ASP B 308 14.09 -2.30 4.57
C ASP B 308 14.38 -3.66 3.94
N ILE B 309 14.66 -4.66 4.78
CA ILE B 309 14.91 -6.02 4.29
C ILE B 309 13.68 -6.89 4.49
N GLN B 310 13.18 -7.41 3.38
CA GLN B 310 11.95 -8.20 3.34
C GLN B 310 11.99 -9.45 4.23
N ALA B 311 13.09 -10.20 4.15
CA ALA B 311 13.13 -11.51 4.76
C ALA B 311 13.34 -11.43 6.27
N VAL B 312 13.50 -10.22 6.81
CA VAL B 312 13.68 -10.06 8.25
C VAL B 312 12.33 -10.15 8.92
N ASN B 313 12.09 -11.27 9.61
CA ASN B 313 10.78 -11.53 10.20
C ASN B 313 10.84 -11.47 11.71
N VAL B 314 12.03 -11.19 12.24
CA VAL B 314 12.20 -11.06 13.68
C VAL B 314 13.23 -9.97 13.98
N VAL B 315 12.88 -9.12 14.94
CA VAL B 315 13.80 -8.12 15.45
C VAL B 315 13.91 -8.32 16.96
N ILE B 316 15.14 -8.34 17.46
CA ILE B 316 15.37 -8.53 18.88
C ILE B 316 16.20 -7.39 19.47
N ASN B 317 15.76 -6.89 20.61
CA ASN B 317 16.53 -5.92 21.37
C ASN B 317 17.20 -6.63 22.54
N PHE B 318 18.37 -7.18 22.30
CA PHE B 318 19.16 -7.84 23.33
C PHE B 318 19.35 -6.87 24.49
N ASP B 319 19.81 -5.67 24.18
CA ASP B 319 19.81 -4.56 25.11
C ASP B 319 18.63 -3.67 24.76
N PHE B 320 17.92 -3.20 25.78
CA PHE B 320 16.77 -2.34 25.53
C PHE B 320 17.23 -0.88 25.48
N PRO B 321 16.66 -0.07 24.57
CA PRO B 321 17.05 1.33 24.47
C PRO B 321 16.40 2.22 25.52
N LYS B 322 16.85 3.48 25.60
CA LYS B 322 16.33 4.43 26.56
C LYS B 322 15.30 5.33 25.86
N LEU B 323 15.65 5.78 24.66
CA LEU B 323 14.77 6.66 23.89
C LEU B 323 13.76 5.87 23.05
N ALA B 324 12.60 6.49 22.83
CA ALA B 324 11.51 5.86 22.08
C ALA B 324 11.77 5.90 20.58
N GLU B 325 12.32 7.01 20.11
CA GLU B 325 12.64 7.17 18.69
C GLU B 325 13.60 6.06 18.26
N THR B 326 14.51 5.71 19.15
CA THR B 326 15.48 4.64 18.91
C THR B 326 14.73 3.32 18.68
N TYR B 327 13.86 3.00 19.63
CA TYR B 327 13.01 1.82 19.54
C TYR B 327 12.27 1.82 18.20
N LEU B 328 11.67 2.97 17.88
CA LEU B 328 10.94 3.11 16.64
C LEU B 328 11.83 2.82 15.44
N HIS B 329 13.05 3.36 15.44
CA HIS B 329 13.99 3.16 14.34
C HIS B 329 14.36 1.68 14.20
N ARG B 330 14.54 1.00 15.32
CA ARG B 330 14.84 -0.44 15.26
C ARG B 330 13.64 -1.24 14.75
N ILE B 331 12.47 -0.99 15.32
CA ILE B 331 11.28 -1.80 15.05
C ILE B 331 10.58 -1.43 13.75
N GLY B 332 10.36 -0.13 13.56
CA GLY B 332 9.48 0.37 12.52
C GLY B 332 9.85 0.03 11.08
N ARG B 333 8.88 0.24 10.19
CA ARG B 333 9.09 0.11 8.74
C ARG B 333 8.58 1.37 8.05
N SER B 334 8.97 1.56 6.79
CA SER B 334 8.79 2.84 6.12
C SER B 334 7.50 2.91 5.32
N GLY B 335 6.54 2.05 5.64
CA GLY B 335 5.25 2.07 4.97
C GLY B 335 5.29 1.42 3.60
N ARG B 336 6.48 1.39 2.99
CA ARG B 336 6.68 0.70 1.72
C ARG B 336 6.76 -0.80 1.96
N PHE B 337 7.30 -1.18 3.12
CA PHE B 337 7.46 -2.58 3.49
C PHE B 337 6.53 -2.94 4.64
N GLY B 338 5.46 -3.67 4.32
CA GLY B 338 4.51 -4.11 5.32
C GLY B 338 4.44 -5.63 5.35
N HIS B 339 5.27 -6.23 6.18
CA HIS B 339 5.26 -7.66 6.38
C HIS B 339 5.14 -7.94 7.87
N LEU B 340 4.49 -9.03 8.21
CA LEU B 340 4.19 -9.32 9.61
C LEU B 340 5.47 -9.73 10.32
N GLY B 341 6.29 -8.72 10.62
CA GLY B 341 7.52 -8.93 11.34
C GLY B 341 7.25 -9.05 12.81
N LEU B 342 8.15 -9.74 13.51
CA LEU B 342 8.02 -9.97 14.94
C LEU B 342 9.01 -9.07 15.68
N ALA B 343 8.67 -8.67 16.91
CA ALA B 343 9.57 -7.85 17.72
C ALA B 343 9.61 -8.34 19.16
N ILE B 344 10.82 -8.49 19.69
CA ILE B 344 11.02 -8.96 21.06
C ILE B 344 11.97 -8.05 21.82
N ASN B 345 11.68 -7.82 23.09
CA ASN B 345 12.49 -6.98 23.93
C ASN B 345 12.90 -7.73 25.20
N LEU B 346 14.15 -8.18 25.23
CA LEU B 346 14.72 -8.75 26.44
C LEU B 346 15.04 -7.62 27.38
N ILE B 347 14.34 -7.58 28.51
CA ILE B 347 14.37 -6.41 29.38
C ILE B 347 14.83 -6.71 30.80
N THR B 348 15.78 -5.89 31.24
CA THR B 348 16.30 -5.98 32.59
C THR B 348 15.46 -5.04 33.43
N TYR B 349 15.85 -4.89 34.68
CA TYR B 349 15.09 -4.10 35.63
C TYR B 349 15.31 -2.62 35.46
N ASP B 350 16.55 -2.28 35.15
CA ASP B 350 16.94 -0.91 34.91
C ASP B 350 16.16 -0.39 33.69
N ASP B 351 15.52 -1.31 32.97
CA ASP B 351 14.86 -1.01 31.72
C ASP B 351 13.33 -0.91 31.84
N ARG B 352 12.76 -1.42 32.93
CA ARG B 352 11.30 -1.43 33.14
C ARG B 352 10.68 -0.06 32.86
N PHE B 353 11.14 0.96 33.58
CA PHE B 353 10.60 2.31 33.45
C PHE B 353 10.73 2.83 32.02
N ASN B 354 11.53 2.16 31.20
CA ASN B 354 11.69 2.52 29.80
C ASN B 354 10.83 1.63 28.90
N LEU B 355 10.43 0.48 29.42
CA LEU B 355 9.53 -0.41 28.69
C LEU B 355 8.15 0.24 28.60
N LYS B 356 7.70 0.78 29.73
CA LYS B 356 6.38 1.37 29.82
C LYS B 356 6.35 2.79 29.24
N SER B 357 7.38 3.58 29.56
CA SER B 357 7.45 4.94 29.08
C SER B 357 7.44 5.00 27.56
N ILE B 358 8.02 3.98 26.95
CA ILE B 358 8.06 3.86 25.50
C ILE B 358 6.74 3.29 25.01
N GLU B 359 6.21 2.32 25.74
CA GLU B 359 4.94 1.69 25.39
C GLU B 359 3.86 2.75 25.24
N GLU B 360 3.85 3.69 26.18
CA GLU B 360 2.87 4.77 26.19
C GLU B 360 3.22 5.82 25.15
N GLN B 361 4.52 6.08 24.97
CA GLN B 361 4.96 7.16 24.10
C GLN B 361 4.65 6.88 22.63
N LEU B 362 4.54 5.60 22.27
CA LEU B 362 4.18 5.21 20.91
C LEU B 362 2.72 4.84 20.84
N GLY B 363 2.08 4.76 22.00
CA GLY B 363 0.66 4.49 22.07
C GLY B 363 0.33 3.12 21.50
N THR B 364 1.13 2.13 21.86
CA THR B 364 0.90 0.76 21.43
C THR B 364 0.99 -0.18 22.63
N GLU B 365 0.79 -1.47 22.37
CA GLU B 365 0.73 -2.48 23.42
C GLU B 365 1.81 -3.53 23.21
N ILE B 366 2.66 -3.70 24.21
CA ILE B 366 3.71 -4.71 24.19
C ILE B 366 3.36 -5.81 25.18
N LYS B 367 2.90 -6.95 24.65
CA LYS B 367 2.38 -8.03 25.46
C LYS B 367 3.47 -9.07 25.76
N PRO B 368 3.42 -9.71 26.94
CA PRO B 368 4.37 -10.79 27.25
C PRO B 368 4.37 -11.95 26.26
N ILE B 369 5.41 -12.77 26.29
CA ILE B 369 5.60 -13.82 25.30
C ILE B 369 4.70 -15.02 25.58
N PRO B 370 4.01 -15.53 24.54
CA PRO B 370 3.32 -16.81 24.68
C PRO B 370 4.27 -17.98 24.43
N SER B 371 4.11 -19.06 25.18
CA SER B 371 4.81 -20.30 24.90
C SER B 371 4.56 -20.73 23.46
N ASN B 372 3.41 -20.32 22.95
CA ASN B 372 2.96 -20.73 21.62
C ASN B 372 2.68 -19.51 20.74
N ILE B 373 3.63 -19.19 19.87
CA ILE B 373 3.53 -18.01 19.02
C ILE B 373 2.89 -18.32 17.66
N ASP B 374 1.80 -17.62 17.35
CA ASP B 374 1.07 -17.81 16.11
C ASP B 374 1.98 -17.54 14.90
N LYS B 375 2.12 -18.55 14.04
CA LYS B 375 2.96 -18.44 12.86
C LYS B 375 2.41 -17.40 11.91
N SER B 376 1.08 -17.26 11.90
CA SER B 376 0.42 -16.26 11.06
C SER B 376 0.87 -14.84 11.44
N LEU B 377 1.22 -14.66 12.71
CA LEU B 377 1.71 -13.37 13.20
C LEU B 377 3.05 -12.97 12.57
N TYR B 378 3.73 -13.93 11.95
CA TYR B 378 5.00 -13.65 11.29
C TYR B 378 5.48 -14.85 10.47
C ACT C . -22.75 6.59 -9.82
O ACT C . -23.66 7.44 -9.77
OXT ACT C . -22.56 5.94 -8.77
CH3 ACT C . -21.93 6.38 -11.05
H1 ACT C . -20.88 6.57 -10.83
H2 ACT C . -22.04 5.35 -11.40
H3 ACT C . -22.27 7.06 -11.84
C ACT D . 24.72 0.35 6.62
O ACT D . 25.75 1.06 6.61
OXT ACT D . 23.72 0.84 7.17
CH3 ACT D . 24.70 -1.03 6.02
H1 ACT D . 24.45 -1.76 6.78
H2 ACT D . 23.94 -1.06 5.23
H3 ACT D . 25.67 -1.25 5.59
#